data_9HIF
#
_entry.id   9HIF
#
_cell.length_a   126.089
_cell.length_b   139.024
_cell.length_c   169.902
_cell.angle_alpha   90.000
_cell.angle_beta   90.000
_cell.angle_gamma   90.000
#
_symmetry.space_group_name_H-M   'I 2 2 2'
#
loop_
_entity.id
_entity.type
_entity.pdbx_description
1 polymer 'Cystathionine beta-synthase'
2 non-polymer 'PROTOPORPHYRIN IX CONTAINING FE'
#
_entity_poly.entity_id   1
_entity_poly.type   'polypeptide(L)'
_entity_poly.pdbx_seq_one_letter_code
;MPSETPQAEVGPTGCPHRSGPHSAKGSLEKGSPEDKEAKEPLWIRPDAPSRCTWQLGRPASESPHHHTAPAKSPKILPDI
LKKIGDTPMVRINKIGKKFGLKCELLAKCEFFNAGGSV(LLP)DRISLRMIEDAERDGTLKPGDTIIEPTSGNTGIGLAL
AAAVRGYRCIIVMPEKMSSEKVDVLRALGAEIVRTPTNARFDSPESHVGVAWRLKNEIPNSHILDQYRNASNPLAHYDTT
ADEILQQCDGKLDMLVASVGTGGTITGIARKLKEKCPGCRIIGVDPEGSILAEPEELNQTEQTTYEVEGIGYDFIPTVLD
RTVVDKWFKSNDEEAFTFACMLIAQEGLLCGGSAGSTVAVAVKAAQELQEGQRCVVILPDSVRNYMTKFLSDRWMLQKGF
LKEEDLTEKKPWWWHLRVQELGLSAPLTVLPTITCGHTIEILREKGFDQAPVVDEAGVILGMVTLGNMLSSLLAGKVQPS
DQVGKVIYKQFKQIRLTDTLGRLSHILEMDHFALVVHEQQRQMVFGVVTAIDLLNFVAAQERDQK
;
_entity_poly.pdbx_strand_id   A,B
#
loop_
_chem_comp.id
_chem_comp.type
_chem_comp.name
_chem_comp.formula
HEM non-polymer 'PROTOPORPHYRIN IX CONTAINING FE' 'C34 H32 Fe N4 O4'
#
# COMPACT_ATOMS: atom_id res chain seq x y z
N PRO A 41 29.12 -30.79 -1.56
CA PRO A 41 27.77 -30.70 -1.02
C PRO A 41 27.57 -29.38 -0.27
N LEU A 42 26.63 -28.52 -0.67
CA LEU A 42 26.45 -27.28 0.08
C LEU A 42 24.97 -26.95 0.27
N TRP A 43 24.46 -27.33 1.44
CA TRP A 43 23.12 -26.98 1.89
C TRP A 43 23.28 -26.91 3.41
N ILE A 44 22.74 -25.88 4.05
CA ILE A 44 22.80 -25.80 5.50
C ILE A 44 21.36 -25.85 6.01
N ARG A 45 21.07 -26.82 6.86
CA ARG A 45 19.72 -26.95 7.38
C ARG A 45 19.27 -25.74 8.20
N PRO A 46 18.12 -25.15 7.88
CA PRO A 46 17.60 -24.02 8.66
C PRO A 46 17.04 -24.45 10.02
N ASP A 47 16.85 -25.76 10.24
CA ASP A 47 16.30 -26.28 11.49
C ASP A 47 17.35 -26.91 12.40
N ALA A 48 18.64 -26.71 12.10
CA ALA A 48 19.70 -27.22 12.96
C ALA A 48 19.57 -26.66 14.39
N PRO A 49 19.85 -27.48 15.41
CA PRO A 49 19.85 -26.99 16.79
C PRO A 49 20.77 -25.79 16.99
N SER A 50 20.31 -24.80 17.74
CA SER A 50 21.15 -23.66 18.05
C SER A 50 22.35 -24.13 18.88
N ARG A 51 23.52 -23.63 18.52
CA ARG A 51 24.77 -23.84 19.23
C ARG A 51 25.04 -22.73 20.24
N CYS A 52 24.15 -21.76 20.32
CA CYS A 52 24.31 -20.62 21.20
C CYS A 52 24.40 -21.05 22.65
N THR A 53 25.44 -20.57 23.32
CA THR A 53 25.70 -20.89 24.71
C THR A 53 25.12 -19.85 25.66
N TRP A 54 24.22 -19.01 25.17
CA TRP A 54 23.48 -18.11 26.06
C TRP A 54 22.60 -18.93 27.00
N GLN A 55 22.52 -18.49 28.25
CA GLN A 55 21.55 -18.95 29.22
C GLN A 55 21.21 -17.77 30.12
N LEU A 56 19.98 -17.82 30.65
CA LEU A 56 19.51 -16.79 31.58
C LEU A 56 20.41 -16.65 32.79
N GLY A 57 20.75 -15.38 33.12
CA GLY A 57 21.61 -15.08 34.25
C GLY A 57 23.07 -14.87 33.92
N ARG A 58 23.50 -15.13 32.70
CA ARG A 58 24.85 -14.78 32.26
C ARG A 58 25.08 -13.26 32.21
N PRO A 59 26.25 -12.79 32.66
CA PRO A 59 26.58 -11.37 32.45
C PRO A 59 26.59 -11.05 30.97
N ALA A 60 26.01 -9.90 30.61
CA ALA A 60 26.01 -9.45 29.22
C ALA A 60 27.39 -9.27 28.60
N SER A 61 28.42 -9.04 29.39
CA SER A 61 29.82 -8.93 28.96
C SER A 61 30.44 -10.21 28.41
N GLU A 62 29.85 -11.38 28.62
CA GLU A 62 30.36 -12.63 28.08
C GLU A 62 29.99 -12.92 26.63
N SER A 63 29.11 -12.14 26.01
CA SER A 63 28.71 -12.38 24.63
C SER A 63 29.85 -12.27 23.62
N PRO A 64 30.01 -13.29 22.74
CA PRO A 64 30.97 -13.17 21.63
C PRO A 64 30.46 -12.30 20.48
N HIS A 65 29.18 -11.93 20.47
CA HIS A 65 28.60 -11.30 19.29
C HIS A 65 29.02 -9.83 19.34
N HIS A 66 29.25 -9.21 18.19
CA HIS A 66 29.35 -7.75 18.20
C HIS A 66 27.96 -7.13 18.35
N HIS A 67 27.83 -6.23 19.35
CA HIS A 67 26.61 -5.53 19.67
C HIS A 67 26.70 -4.05 19.33
N THR A 68 25.63 -3.49 18.77
CA THR A 68 25.53 -2.06 18.44
C THR A 68 24.36 -1.43 19.20
N ALA A 69 24.64 -0.52 20.12
CA ALA A 69 23.57 0.17 20.84
C ALA A 69 22.87 1.18 19.94
N PRO A 70 21.57 1.39 20.12
CA PRO A 70 20.87 2.48 19.40
C PRO A 70 21.50 3.86 19.58
N ALA A 71 21.65 4.57 18.46
CA ALA A 71 22.21 5.92 18.38
C ALA A 71 21.17 6.91 17.87
N LYS A 72 21.28 8.16 18.33
CA LYS A 72 20.40 9.24 17.87
C LYS A 72 20.64 9.57 16.40
N SER A 73 19.56 9.63 15.63
CA SER A 73 19.65 10.08 14.25
C SER A 73 20.03 11.57 14.15
N PRO A 74 20.83 11.93 13.15
CA PRO A 74 21.06 13.35 12.87
C PRO A 74 19.78 13.97 12.33
N LYS A 75 19.77 15.30 12.31
CA LYS A 75 18.61 16.02 11.80
C LYS A 75 18.29 15.67 10.35
N ILE A 76 19.32 15.52 9.52
CA ILE A 76 19.16 15.08 8.14
C ILE A 76 19.72 13.67 7.97
N LEU A 77 18.85 12.74 7.59
CA LEU A 77 19.27 11.38 7.32
C LEU A 77 20.02 11.31 5.99
N PRO A 78 21.20 10.66 5.94
CA PRO A 78 21.94 10.55 4.67
C PRO A 78 21.24 9.69 3.62
N ASP A 79 20.41 8.73 4.05
CA ASP A 79 19.61 7.89 3.17
C ASP A 79 18.43 7.35 4.00
N ILE A 80 17.49 6.70 3.30
CA ILE A 80 16.25 6.26 3.92
C ILE A 80 16.45 5.11 4.90
N LEU A 81 17.57 4.39 4.82
CA LEU A 81 17.79 3.26 5.72
C LEU A 81 17.92 3.69 7.19
N LYS A 82 18.33 4.93 7.47
CA LYS A 82 18.32 5.45 8.84
C LYS A 82 16.92 5.73 9.40
N LYS A 83 15.85 5.53 8.63
CA LYS A 83 14.48 5.65 9.09
C LYS A 83 13.91 4.30 9.51
N ILE A 84 14.77 3.36 9.83
CA ILE A 84 14.40 2.05 10.35
C ILE A 84 14.64 2.11 11.86
N GLY A 85 13.61 1.71 12.62
CA GLY A 85 13.58 1.82 14.06
C GLY A 85 12.78 3.01 14.58
N ASP A 86 12.82 3.16 15.90
CA ASP A 86 12.05 4.17 16.65
C ASP A 86 10.56 4.19 16.31
N THR A 87 9.99 3.03 16.18
CA THR A 87 8.60 2.95 15.82
C THR A 87 7.75 3.28 17.05
N PRO A 88 6.57 3.87 16.84
CA PRO A 88 5.75 4.34 17.95
C PRO A 88 5.09 3.21 18.74
N MET A 89 4.93 3.45 20.05
CA MET A 89 4.06 2.66 20.93
C MET A 89 2.71 3.37 21.10
N VAL A 90 1.61 2.67 20.75
CA VAL A 90 0.27 3.26 20.72
C VAL A 90 -0.71 2.51 21.63
N ARG A 91 -1.50 3.25 22.40
CA ARG A 91 -2.56 2.64 23.18
C ARG A 91 -3.72 2.18 22.32
N ILE A 92 -4.18 0.96 22.57
CA ILE A 92 -5.43 0.45 22.02
C ILE A 92 -6.56 0.83 22.96
N ASN A 93 -7.52 1.62 22.45
CA ASN A 93 -8.48 2.27 23.34
C ASN A 93 -9.84 1.60 23.41
N LYS A 94 -10.29 1.03 22.29
CA LYS A 94 -11.64 0.49 22.20
C LYS A 94 -11.62 -1.03 22.22
N ILE A 95 -10.78 -1.67 21.41
CA ILE A 95 -10.85 -3.12 21.26
C ILE A 95 -10.57 -3.79 22.60
N GLY A 96 -9.55 -3.33 23.30
CA GLY A 96 -9.26 -3.91 24.61
C GLY A 96 -10.46 -3.89 25.54
N LYS A 97 -11.16 -2.76 25.59
CA LYS A 97 -12.34 -2.66 26.46
C LYS A 97 -13.49 -3.56 25.98
N LYS A 98 -13.69 -3.66 24.67
CA LYS A 98 -14.75 -4.50 24.08
C LYS A 98 -14.74 -5.98 24.47
N PHE A 99 -13.57 -6.56 24.63
CA PHE A 99 -13.47 -7.97 25.03
C PHE A 99 -13.22 -8.14 26.51
N GLY A 100 -13.42 -7.07 27.28
CA GLY A 100 -13.37 -7.15 28.72
C GLY A 100 -11.98 -7.14 29.29
N LEU A 101 -10.96 -6.79 28.51
CA LEU A 101 -9.64 -6.61 29.06
C LEU A 101 -9.70 -5.46 30.05
N LYS A 102 -9.09 -5.65 31.22
CA LYS A 102 -9.04 -4.59 32.20
C LYS A 102 -7.74 -3.80 32.15
N CYS A 103 -6.68 -4.43 31.68
CA CYS A 103 -5.37 -3.80 31.53
C CYS A 103 -5.30 -2.83 30.34
N GLU A 104 -4.25 -2.00 30.39
CA GLU A 104 -3.81 -1.20 29.26
C GLU A 104 -3.17 -2.08 28.19
N LEU A 105 -3.70 -2.02 26.98
CA LEU A 105 -3.15 -2.71 25.81
C LEU A 105 -2.38 -1.73 24.92
N LEU A 106 -1.11 -2.03 24.66
CA LEU A 106 -0.23 -1.20 23.85
C LEU A 106 0.23 -1.98 22.63
N ALA A 107 0.35 -1.30 21.49
CA ALA A 107 0.82 -1.86 20.23
C ALA A 107 2.12 -1.19 19.80
N LYS A 108 3.16 -1.99 19.56
CA LYS A 108 4.38 -1.54 18.90
C LYS A 108 4.16 -1.65 17.39
N CYS A 109 3.91 -0.50 16.74
CA CYS A 109 3.47 -0.45 15.34
C CYS A 109 4.68 -0.42 14.40
N GLU A 110 5.18 -1.60 14.06
CA GLU A 110 6.38 -1.73 13.24
C GLU A 110 6.17 -1.40 11.75
N PHE A 111 4.93 -1.26 11.27
CA PHE A 111 4.68 -0.90 9.88
C PHE A 111 5.07 0.53 9.54
N PHE A 112 5.55 1.31 10.50
CA PHE A 112 6.07 2.64 10.22
C PHE A 112 7.55 2.66 9.85
N ASN A 113 8.18 1.49 9.71
CA ASN A 113 9.52 1.46 9.14
C ASN A 113 9.46 1.79 7.64
N ALA A 114 10.64 2.10 7.10
CA ALA A 114 10.74 2.59 5.74
C ALA A 114 10.11 1.64 4.73
N GLY A 115 10.38 0.34 4.87
CA GLY A 115 9.75 -0.65 4.01
C GLY A 115 8.38 -1.12 4.45
N GLY A 116 7.96 -0.70 5.64
CA GLY A 116 6.64 -1.02 6.14
C GLY A 116 6.51 -2.35 6.84
N SER A 117 7.62 -2.91 7.36
CA SER A 117 7.56 -4.17 8.06
C SER A 117 8.67 -4.16 9.11
N VAL A 118 8.52 -5.06 10.09
CA VAL A 118 9.59 -5.32 11.07
C VAL A 118 10.87 -5.83 10.42
N1 LLP A 119 4.54 -10.95 10.51
C2 LLP A 119 5.09 -10.69 9.28
C2' LLP A 119 4.17 -9.99 8.32
C3 LLP A 119 6.40 -11.08 8.98
O3 LLP A 119 6.94 -10.82 7.76
C4 LLP A 119 7.17 -11.71 9.96
C4' LLP A 119 8.57 -12.20 9.69
C5 LLP A 119 6.61 -11.97 11.22
C6 LLP A 119 5.29 -11.60 11.49
C5' LLP A 119 7.35 -12.69 12.34
OP4 LLP A 119 8.50 -12.12 12.86
P LLP A 119 9.60 -13.12 13.48
OP1 LLP A 119 10.77 -12.34 14.04
OP2 LLP A 119 8.99 -13.97 14.57
OP3 LLP A 119 10.10 -14.00 12.37
N LLP A 119 10.78 -6.43 9.25
CA LLP A 119 11.94 -7.07 8.68
CB LLP A 119 11.55 -7.95 7.50
CG LLP A 119 10.63 -9.15 7.75
CD LLP A 119 11.33 -10.19 8.61
CE LLP A 119 10.48 -11.46 8.73
NZ LLP A 119 9.43 -11.06 9.69
C LLP A 119 12.95 -6.06 8.18
O LLP A 119 14.15 -6.38 8.12
H2'1 LLP A 119 4.24 -10.47 7.34
H2'2 LLP A 119 3.14 -10.07 8.68
H2'3 LLP A 119 4.46 -8.94 8.23
HO3 LLP A 119 7.91 -11.00 7.79
H4'1 LLP A 119 8.74 -13.27 9.71
H6 LLP A 119 4.84 -11.80 12.47
H5'1 LLP A 119 7.61 -13.69 11.96
H5'2 LLP A 119 6.65 -12.83 13.16
H LLP A 119 10.06 -6.48 8.77
HA LLP A 119 12.35 -7.62 9.37
HB2 LLP A 119 11.09 -7.39 6.85
HB3 LLP A 119 12.36 -8.31 7.10
HG2 LLP A 119 9.83 -8.85 8.21
HG3 LLP A 119 10.40 -9.56 6.90
HD2 LLP A 119 12.18 -10.42 8.22
HD3 LLP A 119 11.47 -9.83 9.50
HE2 LLP A 119 10.09 -11.71 7.88
HE3 LLP A 119 11.00 -12.20 9.09
HZ2 LLP A 119 9.82 -10.90 10.44
HZ3 LLP A 119 9.09 -10.31 9.40
N ASP A 120 12.53 -4.84 7.90
CA ASP A 120 13.48 -3.82 7.53
C ASP A 120 14.59 -3.70 8.56
N ARG A 121 14.29 -3.87 9.85
CA ARG A 121 15.35 -3.84 10.85
C ARG A 121 16.40 -4.92 10.61
N ILE A 122 15.96 -6.17 10.49
CA ILE A 122 16.90 -7.28 10.40
C ILE A 122 17.61 -7.27 9.07
N SER A 123 16.94 -6.83 8.01
CA SER A 123 17.62 -6.75 6.74
C SER A 123 18.84 -5.84 6.88
N LEU A 124 18.66 -4.65 7.44
CA LEU A 124 19.79 -3.75 7.60
C LEU A 124 20.86 -4.37 8.48
N ARG A 125 20.47 -4.91 9.62
CA ARG A 125 21.47 -5.44 10.54
C ARG A 125 22.27 -6.56 9.89
N MET A 126 21.56 -7.46 9.21
CA MET A 126 22.23 -8.57 8.55
C MET A 126 23.24 -8.09 7.52
N ILE A 127 22.90 -7.06 6.76
CA ILE A 127 23.84 -6.50 5.81
C ILE A 127 25.03 -5.85 6.53
N GLU A 128 24.77 -4.99 7.51
CA GLU A 128 25.87 -4.25 8.13
C GLU A 128 26.86 -5.17 8.84
N ASP A 129 26.38 -6.24 9.46
CA ASP A 129 27.30 -7.19 10.07
C ASP A 129 28.07 -7.93 8.99
N ALA A 130 27.38 -8.28 7.90
CA ALA A 130 28.07 -8.94 6.80
C ALA A 130 29.10 -8.02 6.15
N GLU A 131 28.82 -6.71 6.12
CA GLU A 131 29.83 -5.75 5.66
C GLU A 131 31.06 -5.71 6.58
N ARG A 132 30.86 -5.74 7.89
CA ARG A 132 32.00 -5.66 8.81
C ARG A 132 32.87 -6.90 8.80
N ASP A 133 32.25 -8.05 8.63
CA ASP A 133 32.94 -9.32 8.48
C ASP A 133 33.77 -9.46 7.21
N GLY A 134 33.59 -8.57 6.26
CA GLY A 134 34.26 -8.71 4.99
C GLY A 134 33.69 -9.82 4.16
N THR A 135 32.58 -10.42 4.59
CA THR A 135 31.97 -11.45 3.77
C THR A 135 31.35 -10.83 2.52
N LEU A 136 30.57 -9.77 2.72
CA LEU A 136 29.89 -9.04 1.64
C LEU A 136 30.66 -7.81 1.17
N LYS A 137 31.08 -7.83 -0.10
CA LYS A 137 31.81 -6.79 -0.80
C LYS A 137 30.91 -6.03 -1.77
N PRO A 138 31.20 -4.75 -2.01
CA PRO A 138 30.41 -3.97 -2.98
C PRO A 138 30.27 -4.63 -4.35
N GLY A 139 29.03 -4.69 -4.83
CA GLY A 139 28.65 -5.30 -6.09
C GLY A 139 28.39 -6.78 -6.03
N ASP A 140 28.59 -7.41 -4.88
CA ASP A 140 28.17 -8.79 -4.71
C ASP A 140 26.65 -8.90 -4.87
N THR A 141 26.20 -10.14 -5.09
CA THR A 141 24.77 -10.50 -5.20
C THR A 141 24.23 -11.06 -3.88
N ILE A 142 23.09 -10.54 -3.42
CA ILE A 142 22.36 -11.06 -2.27
C ILE A 142 21.17 -11.92 -2.71
N ILE A 143 21.10 -13.15 -2.17
CA ILE A 143 19.96 -14.06 -2.38
C ILE A 143 19.25 -14.34 -1.06
N GLU A 144 17.92 -14.22 -1.07
CA GLU A 144 17.17 -14.54 0.16
C GLU A 144 15.82 -15.24 0.05
N PRO A 145 15.65 -16.39 0.73
CA PRO A 145 14.33 -17.00 0.92
C PRO A 145 13.52 -16.25 1.98
N THR A 146 12.34 -15.80 1.61
CA THR A 146 11.59 -14.92 2.51
C THR A 146 10.10 -15.09 2.25
N SER A 147 9.30 -14.69 3.25
CA SER A 147 7.88 -14.49 3.05
C SER A 147 7.53 -13.18 2.39
N GLY A 148 8.52 -12.40 1.98
CA GLY A 148 8.31 -11.17 1.24
C GLY A 148 8.66 -9.92 2.04
N ASN A 149 8.33 -9.84 3.31
CA ASN A 149 8.63 -8.63 4.07
C ASN A 149 10.13 -8.43 4.21
N THR A 150 10.85 -9.51 4.53
CA THR A 150 12.30 -9.50 4.55
C THR A 150 12.88 -9.21 3.18
N GLY A 151 12.24 -9.75 2.14
CA GLY A 151 12.66 -9.47 0.79
C GLY A 151 12.58 -7.99 0.47
N ILE A 152 11.50 -7.36 0.90
CA ILE A 152 11.33 -5.93 0.69
C ILE A 152 12.43 -5.14 1.40
N GLY A 153 12.70 -5.47 2.66
CA GLY A 153 13.77 -4.77 3.37
C GLY A 153 15.15 -4.91 2.72
N LEU A 154 15.46 -6.11 2.27
CA LEU A 154 16.75 -6.35 1.60
C LEU A 154 16.82 -5.71 0.22
N ALA A 155 15.76 -5.80 -0.57
CA ALA A 155 15.74 -5.15 -1.88
C ALA A 155 15.94 -3.65 -1.74
N LEU A 156 15.34 -3.06 -0.70
CA LEU A 156 15.53 -1.63 -0.44
C LEU A 156 16.97 -1.27 -0.08
N ALA A 157 17.58 -2.05 0.82
CA ALA A 157 18.99 -1.80 1.13
C ALA A 157 19.89 -2.00 -0.08
N ALA A 158 19.61 -3.01 -0.91
CA ALA A 158 20.38 -3.25 -2.13
C ALA A 158 20.23 -2.09 -3.12
N ALA A 159 19.00 -1.60 -3.32
CA ALA A 159 18.79 -0.45 -4.18
C ALA A 159 19.63 0.75 -3.72
N VAL A 160 19.63 1.05 -2.42
CA VAL A 160 20.42 2.17 -1.93
C VAL A 160 21.94 1.91 -2.08
N ARG A 161 22.41 0.75 -1.66
CA ARG A 161 23.82 0.42 -1.57
C ARG A 161 24.40 -0.19 -2.84
N GLY A 162 23.57 -0.60 -3.77
CA GLY A 162 24.09 -1.12 -4.99
C GLY A 162 24.46 -2.58 -4.95
N TYR A 163 23.69 -3.39 -4.26
CA TYR A 163 23.83 -4.82 -4.36
C TYR A 163 22.79 -5.27 -5.37
N ARG A 164 23.10 -6.34 -6.07
CA ARG A 164 22.10 -7.08 -6.81
C ARG A 164 21.29 -7.95 -5.86
N CYS A 165 19.99 -8.01 -6.08
CA CYS A 165 19.10 -8.72 -5.16
C CYS A 165 18.19 -9.70 -5.89
N ILE A 166 18.22 -10.96 -5.47
CA ILE A 166 17.38 -12.04 -5.99
C ILE A 166 16.58 -12.62 -4.83
N ILE A 167 15.25 -12.55 -4.95
CA ILE A 167 14.30 -12.96 -3.91
C ILE A 167 13.58 -14.25 -4.28
N VAL A 168 13.61 -15.23 -3.37
CA VAL A 168 12.86 -16.48 -3.49
C VAL A 168 11.74 -16.44 -2.46
N MET A 169 10.49 -16.45 -2.91
CA MET A 169 9.31 -16.41 -2.04
C MET A 169 8.25 -17.38 -2.51
N PRO A 170 7.49 -17.96 -1.58
CA PRO A 170 6.39 -18.85 -2.00
C PRO A 170 5.34 -18.18 -2.89
N GLU A 171 4.77 -18.99 -3.79
CA GLU A 171 3.72 -18.55 -4.72
C GLU A 171 2.51 -18.03 -3.96
N LYS A 172 2.28 -18.49 -2.72
CA LYS A 172 1.12 -18.01 -1.98
C LYS A 172 1.16 -16.54 -1.62
N MET A 173 2.34 -15.93 -1.59
CA MET A 173 2.46 -14.53 -1.17
C MET A 173 1.86 -13.55 -2.18
N SER A 174 1.26 -12.49 -1.65
CA SER A 174 0.48 -11.57 -2.45
C SER A 174 1.34 -10.92 -3.52
N SER A 175 0.69 -10.56 -4.63
CA SER A 175 1.31 -9.84 -5.74
C SER A 175 1.79 -8.43 -5.39
N GLU A 176 1.16 -7.74 -4.43
CA GLU A 176 1.62 -6.40 -4.08
C GLU A 176 3.07 -6.41 -3.62
N LYS A 177 3.49 -7.47 -2.94
CA LYS A 177 4.90 -7.60 -2.58
C LYS A 177 5.75 -7.73 -3.84
N VAL A 178 5.29 -8.52 -4.81
CA VAL A 178 5.99 -8.65 -6.08
C VAL A 178 6.12 -7.30 -6.78
N ASP A 179 5.04 -6.50 -6.80
CA ASP A 179 5.11 -5.23 -7.51
C ASP A 179 6.09 -4.27 -6.84
N VAL A 180 6.09 -4.21 -5.52
CA VAL A 180 7.09 -3.38 -4.84
C VAL A 180 8.51 -3.88 -5.07
N LEU A 181 8.73 -5.20 -4.98
CA LEU A 181 10.07 -5.76 -5.21
C LEU A 181 10.59 -5.52 -6.64
N ARG A 182 9.76 -5.77 -7.63
CA ARG A 182 10.12 -5.51 -9.03
C ARG A 182 10.40 -4.02 -9.25
N ALA A 183 9.60 -3.14 -8.63
CA ALA A 183 9.84 -1.70 -8.74
C ALA A 183 11.19 -1.30 -8.11
N LEU A 184 11.64 -2.03 -7.10
CA LEU A 184 12.96 -1.82 -6.51
C LEU A 184 14.09 -2.37 -7.39
N GLY A 185 13.74 -3.10 -8.45
CA GLY A 185 14.72 -3.66 -9.35
C GLY A 185 15.26 -5.01 -8.95
N ALA A 186 14.56 -5.72 -8.07
CA ALA A 186 14.90 -7.08 -7.72
C ALA A 186 14.39 -8.09 -8.76
N GLU A 187 15.18 -9.15 -8.93
CA GLU A 187 14.77 -10.35 -9.63
C GLU A 187 14.01 -11.26 -8.67
N ILE A 188 12.99 -11.96 -9.17
CA ILE A 188 12.06 -12.67 -8.31
C ILE A 188 11.92 -14.11 -8.78
N VAL A 189 12.03 -15.05 -7.84
CA VAL A 189 11.81 -16.47 -8.09
C VAL A 189 10.80 -16.97 -7.05
N ARG A 190 9.87 -17.79 -7.50
CA ARG A 190 8.81 -18.37 -6.68
C ARG A 190 9.06 -19.86 -6.42
N THR A 191 8.41 -20.37 -5.38
CA THR A 191 8.49 -21.77 -5.00
C THR A 191 7.08 -22.23 -4.62
N PRO A 192 6.76 -23.50 -4.87
CA PRO A 192 5.44 -24.03 -4.50
C PRO A 192 5.15 -23.89 -3.01
N THR A 193 3.91 -23.48 -2.73
CA THR A 193 3.52 -23.17 -1.37
C THR A 193 3.54 -24.40 -0.48
N ASN A 194 3.19 -25.57 -1.03
CA ASN A 194 3.17 -26.80 -0.27
C ASN A 194 4.45 -27.62 -0.39
N ALA A 195 5.54 -27.08 -0.98
CA ALA A 195 6.82 -27.76 -0.91
C ALA A 195 7.35 -27.78 0.52
N ARG A 196 7.62 -28.99 1.00
CA ARG A 196 8.30 -29.20 2.27
C ARG A 196 9.71 -28.60 2.26
N PHE A 197 10.11 -28.03 3.39
CA PHE A 197 11.40 -27.35 3.48
C PHE A 197 12.58 -28.22 3.12
N ASP A 198 12.46 -29.53 3.28
CA ASP A 198 13.58 -30.39 2.93
C ASP A 198 13.63 -30.78 1.47
N SER A 199 12.67 -30.41 0.70
CA SER A 199 12.68 -30.58 -0.75
C SER A 199 13.51 -29.55 -1.50
N PRO A 200 14.02 -29.95 -2.68
CA PRO A 200 14.81 -29.02 -3.48
C PRO A 200 13.98 -27.83 -3.97
N GLU A 201 12.67 -27.94 -3.98
CA GLU A 201 11.78 -26.88 -4.44
C GLU A 201 11.30 -25.95 -3.32
N SER A 202 11.67 -26.22 -2.06
CA SER A 202 11.35 -25.27 -1.01
C SER A 202 12.13 -23.99 -1.34
N HIS A 203 11.63 -22.86 -0.84
CA HIS A 203 12.28 -21.57 -1.06
C HIS A 203 13.74 -21.56 -0.56
N VAL A 204 14.03 -22.28 0.53
CA VAL A 204 15.41 -22.41 1.01
C VAL A 204 16.27 -23.23 0.04
N GLY A 205 15.75 -24.38 -0.38
CA GLY A 205 16.50 -25.23 -1.30
C GLY A 205 16.81 -24.55 -2.62
N VAL A 206 15.80 -23.89 -3.20
CA VAL A 206 16.00 -23.17 -4.44
C VAL A 206 17.02 -22.06 -4.26
N ALA A 207 16.95 -21.34 -3.13
CA ALA A 207 17.94 -20.31 -2.86
C ALA A 207 19.37 -20.88 -2.80
N TRP A 208 19.55 -22.02 -2.13
CA TRP A 208 20.88 -22.64 -2.07
C TRP A 208 21.37 -23.09 -3.46
N ARG A 209 20.50 -23.68 -4.27
N ARG A 209 20.50 -23.68 -4.27
CA ARG A 209 20.93 -24.09 -5.61
CA ARG A 209 20.92 -24.09 -5.61
C ARG A 209 21.31 -22.87 -6.48
C ARG A 209 21.32 -22.87 -6.45
N LEU A 210 20.54 -21.79 -6.36
CA LEU A 210 20.90 -20.57 -7.06
C LEU A 210 22.24 -20.02 -6.59
N LYS A 211 22.46 -20.00 -5.27
CA LYS A 211 23.75 -19.54 -4.75
C LYS A 211 24.87 -20.38 -5.35
N ASN A 212 24.65 -21.68 -5.51
CA ASN A 212 25.68 -22.53 -6.08
C ASN A 212 25.89 -22.21 -7.56
N GLU A 213 24.88 -21.65 -8.24
CA GLU A 213 25.06 -21.30 -9.66
C GLU A 213 25.50 -19.85 -9.91
N ILE A 214 25.41 -18.93 -8.95
CA ILE A 214 25.72 -17.51 -9.14
C ILE A 214 27.05 -17.16 -8.46
N PRO A 215 28.07 -16.73 -9.22
CA PRO A 215 29.32 -16.27 -8.59
C PRO A 215 29.17 -15.06 -7.68
N ASN A 216 30.03 -15.00 -6.64
CA ASN A 216 30.09 -13.94 -5.61
C ASN A 216 28.71 -13.64 -5.02
N SER A 217 27.91 -14.66 -4.85
CA SER A 217 26.59 -14.54 -4.24
C SER A 217 26.66 -15.05 -2.80
N HIS A 218 25.90 -14.40 -1.92
CA HIS A 218 25.86 -14.75 -0.51
C HIS A 218 24.40 -14.88 -0.11
N ILE A 219 24.11 -15.86 0.75
CA ILE A 219 22.84 -15.94 1.45
C ILE A 219 23.01 -15.49 2.89
N LEU A 220 22.25 -14.48 3.30
CA LEU A 220 22.36 -14.05 4.68
C LEU A 220 21.60 -14.96 5.64
N ASP A 221 20.56 -15.66 5.17
CA ASP A 221 19.93 -16.80 5.88
C ASP A 221 19.39 -16.33 7.25
N GLN A 222 18.29 -15.59 7.17
CA GLN A 222 17.58 -15.04 8.33
C GLN A 222 17.16 -16.09 9.34
N TYR A 223 17.12 -17.37 8.94
CA TYR A 223 16.73 -18.44 9.84
C TYR A 223 17.86 -18.87 10.77
N ARG A 224 19.10 -18.59 10.41
CA ARG A 224 20.26 -19.05 11.18
C ARG A 224 21.14 -17.89 11.60
N ASN A 225 21.12 -16.78 10.88
CA ASN A 225 22.01 -15.68 11.15
C ASN A 225 21.58 -14.98 12.44
N ALA A 226 22.50 -14.97 13.41
CA ALA A 226 22.28 -14.36 14.71
C ALA A 226 21.94 -12.87 14.63
N SER A 227 22.35 -12.21 13.55
CA SER A 227 22.02 -10.81 13.37
C SER A 227 20.52 -10.49 13.45
N ASN A 228 19.65 -11.41 13.08
CA ASN A 228 18.19 -11.22 13.19
C ASN A 228 17.72 -11.09 14.64
N PRO A 229 17.85 -12.16 15.45
CA PRO A 229 17.44 -12.03 16.84
C PRO A 229 18.27 -10.97 17.56
N LEU A 230 19.54 -10.80 17.18
CA LEU A 230 20.34 -9.74 17.80
C LEU A 230 19.81 -8.35 17.45
N ALA A 231 19.35 -8.13 16.21
CA ALA A 231 18.74 -6.85 15.86
C ALA A 231 17.58 -6.53 16.79
N HIS A 232 16.79 -7.55 17.12
CA HIS A 232 15.66 -7.30 18.02
C HIS A 232 16.09 -7.17 19.49
N TYR A 233 17.07 -7.98 19.90
CA TYR A 233 17.63 -7.89 21.23
C TYR A 233 18.27 -6.53 21.52
N ASP A 234 19.02 -5.99 20.56
CA ASP A 234 19.74 -4.74 20.81
C ASP A 234 18.85 -3.50 20.78
N THR A 235 17.90 -3.43 19.86
CA THR A 235 17.13 -2.21 19.62
C THR A 235 15.67 -2.31 20.04
N THR A 236 14.91 -3.24 19.45
CA THR A 236 13.47 -3.29 19.67
C THR A 236 13.14 -3.48 21.15
N ALA A 237 13.90 -4.33 21.84
CA ALA A 237 13.65 -4.54 23.26
C ALA A 237 13.97 -3.26 24.04
N ASP A 238 15.07 -2.59 23.70
CA ASP A 238 15.40 -1.33 24.37
C ASP A 238 14.34 -0.26 24.12
N GLU A 239 13.84 -0.18 22.89
CA GLU A 239 12.73 0.74 22.61
C GLU A 239 11.49 0.43 23.44
N ILE A 240 11.08 -0.84 23.50
CA ILE A 240 9.89 -1.20 24.28
C ILE A 240 10.08 -0.85 25.75
N LEU A 241 11.23 -1.22 26.32
CA LEU A 241 11.52 -0.93 27.71
C LEU A 241 11.56 0.57 28.00
N GLN A 242 12.22 1.35 27.13
CA GLN A 242 12.25 2.79 27.31
C GLN A 242 10.85 3.42 27.21
N GLN A 243 10.04 2.97 26.24
CA GLN A 243 8.71 3.55 26.07
C GLN A 243 7.80 3.24 27.26
N CYS A 244 7.98 2.07 27.88
CA CYS A 244 7.19 1.60 29.01
C CYS A 244 7.84 1.98 30.33
N ASP A 245 8.95 2.71 30.28
CA ASP A 245 9.80 3.02 31.43
C ASP A 245 10.24 1.75 32.16
N GLY A 246 10.44 0.66 31.43
CA GLY A 246 10.79 -0.59 32.06
C GLY A 246 9.70 -1.32 32.82
N LYS A 247 8.46 -0.84 32.79
CA LYS A 247 7.37 -1.42 33.56
C LYS A 247 6.49 -2.16 32.57
N LEU A 248 6.58 -3.50 32.55
CA LEU A 248 5.79 -4.28 31.61
C LEU A 248 5.38 -5.64 32.16
N ASP A 249 4.09 -5.98 32.00
CA ASP A 249 3.59 -7.26 32.53
C ASP A 249 3.44 -8.37 31.50
N MET A 250 3.09 -8.06 30.25
CA MET A 250 2.91 -9.10 29.23
C MET A 250 3.31 -8.62 27.85
N LEU A 251 3.96 -9.51 27.09
CA LEU A 251 4.25 -9.34 25.67
C LEU A 251 3.63 -10.44 24.82
N VAL A 252 2.95 -10.04 23.73
CA VAL A 252 2.42 -10.97 22.74
C VAL A 252 3.10 -10.73 21.39
N ALA A 253 3.68 -11.79 20.82
CA ALA A 253 4.35 -11.69 19.52
C ALA A 253 4.08 -12.93 18.70
N SER A 254 3.65 -12.73 17.45
CA SER A 254 3.57 -13.81 16.47
C SER A 254 4.96 -14.22 15.97
N VAL A 255 5.13 -15.52 15.73
CA VAL A 255 6.44 -16.10 15.46
C VAL A 255 6.45 -16.61 14.02
N GLY A 256 7.30 -16.02 13.18
CA GLY A 256 7.64 -16.66 11.92
C GLY A 256 9.01 -17.30 11.99
N THR A 257 10.05 -16.46 12.11
CA THR A 257 11.39 -16.97 12.30
C THR A 257 11.74 -17.10 13.78
N GLY A 258 10.96 -16.42 14.63
CA GLY A 258 11.27 -16.34 16.04
C GLY A 258 12.19 -15.22 16.44
N GLY A 259 12.88 -14.60 15.48
CA GLY A 259 13.86 -13.59 15.82
C GLY A 259 13.30 -12.48 16.69
N THR A 260 12.09 -12.03 16.38
CA THR A 260 11.50 -10.97 17.18
C THR A 260 11.27 -11.43 18.62
N ILE A 261 10.57 -12.55 18.77
CA ILE A 261 10.24 -13.04 20.10
C ILE A 261 11.49 -13.52 20.84
N THR A 262 12.41 -14.21 20.17
CA THR A 262 13.63 -14.62 20.84
C THR A 262 14.40 -13.42 21.38
N GLY A 263 14.71 -12.45 20.53
CA GLY A 263 15.52 -11.33 20.96
C GLY A 263 14.86 -10.52 22.06
N ILE A 264 13.56 -10.23 21.89
CA ILE A 264 12.84 -9.47 22.88
C ILE A 264 12.75 -10.25 24.19
N ALA A 265 12.36 -11.51 24.13
CA ALA A 265 12.19 -12.27 25.35
C ALA A 265 13.50 -12.40 26.13
N ARG A 266 14.62 -12.67 25.45
CA ARG A 266 15.89 -12.74 26.15
C ARG A 266 16.24 -11.44 26.88
N LYS A 267 16.20 -10.30 26.17
CA LYS A 267 16.51 -9.04 26.85
C LYS A 267 15.52 -8.71 27.96
N LEU A 268 14.23 -9.01 27.75
CA LEU A 268 13.22 -8.75 28.77
C LEU A 268 13.39 -9.63 29.99
N LYS A 269 13.70 -10.92 29.80
CA LYS A 269 14.01 -11.78 30.93
C LYS A 269 15.22 -11.25 31.67
N GLU A 270 16.16 -10.58 30.97
CA GLU A 270 17.28 -10.03 31.73
C GLU A 270 16.94 -8.74 32.49
N LYS A 271 16.09 -7.87 31.94
CA LYS A 271 15.85 -6.53 32.50
C LYS A 271 14.46 -6.36 33.11
N CYS A 272 13.49 -7.17 32.69
CA CYS A 272 12.13 -7.11 33.19
C CYS A 272 11.66 -8.55 33.37
N PRO A 273 12.34 -9.28 34.26
CA PRO A 273 12.16 -10.74 34.32
C PRO A 273 10.75 -11.20 34.64
N GLY A 274 9.91 -10.35 35.20
CA GLY A 274 8.52 -10.70 35.46
C GLY A 274 7.62 -10.71 34.26
N CYS A 275 8.06 -10.20 33.10
CA CYS A 275 7.22 -10.20 31.93
C CYS A 275 7.00 -11.62 31.37
N ARG A 276 5.72 -11.98 31.22
CA ARG A 276 5.32 -13.21 30.53
C ARG A 276 5.40 -13.04 29.00
N ILE A 277 5.99 -14.03 28.32
CA ILE A 277 6.15 -14.05 26.87
C ILE A 277 5.16 -15.00 26.20
N ILE A 278 4.26 -14.46 25.37
CA ILE A 278 3.21 -15.23 24.68
C ILE A 278 3.51 -15.32 23.19
N GLY A 279 3.71 -16.55 22.71
CA GLY A 279 3.90 -16.82 21.27
C GLY A 279 2.60 -17.10 20.52
N VAL A 280 2.49 -16.54 19.31
CA VAL A 280 1.37 -16.80 18.41
C VAL A 280 1.83 -17.56 17.17
N ASP A 281 1.18 -18.70 16.90
CA ASP A 281 1.49 -19.59 15.80
C ASP A 281 0.20 -19.92 15.04
N PRO A 282 0.20 -19.86 13.70
CA PRO A 282 -1.01 -20.25 12.96
C PRO A 282 -1.27 -21.74 13.09
N GLU A 283 -2.56 -22.12 13.01
CA GLU A 283 -2.90 -23.53 12.77
C GLU A 283 -2.26 -24.00 11.46
N GLY A 284 -1.64 -25.18 11.51
CA GLY A 284 -0.85 -25.72 10.43
C GLY A 284 0.64 -25.48 10.57
N SER A 285 1.07 -24.70 11.55
CA SER A 285 2.48 -24.67 11.92
C SER A 285 2.72 -25.66 13.07
N ILE A 286 3.99 -26.00 13.27
CA ILE A 286 4.46 -26.93 14.29
C ILE A 286 5.31 -26.25 15.36
N LEU A 287 5.33 -24.91 15.38
CA LEU A 287 6.22 -24.19 16.30
C LEU A 287 5.74 -24.22 17.75
N ALA A 288 4.42 -24.27 17.98
CA ALA A 288 3.86 -24.22 19.32
C ALA A 288 4.25 -25.44 20.17
N GLU A 289 4.32 -25.22 21.49
CA GLU A 289 4.44 -26.24 22.52
C GLU A 289 3.26 -26.14 23.49
N PRO A 290 2.74 -27.28 23.99
CA PRO A 290 3.17 -28.66 23.71
C PRO A 290 2.63 -29.14 22.36
N GLU A 291 3.10 -30.30 21.91
CA GLU A 291 2.79 -30.77 20.57
C GLU A 291 1.29 -31.00 20.37
N GLU A 292 0.53 -31.20 21.45
CA GLU A 292 -0.91 -31.34 21.33
C GLU A 292 -1.61 -30.14 20.67
N LEU A 293 -1.03 -28.95 20.77
CA LEU A 293 -1.63 -27.82 20.08
C LEU A 293 -1.49 -27.90 18.56
N ASN A 294 -0.55 -28.70 18.05
CA ASN A 294 -0.29 -28.77 16.62
C ASN A 294 -1.11 -29.85 15.89
N GLN A 295 -1.90 -30.66 16.60
CA GLN A 295 -2.69 -31.70 15.98
C GLN A 295 -3.72 -31.00 15.10
N THR A 296 -3.60 -31.19 13.79
CA THR A 296 -4.55 -30.54 12.89
C THR A 296 -4.67 -31.20 11.52
N GLU A 297 -5.81 -30.90 10.88
CA GLU A 297 -6.08 -31.35 9.51
C GLU A 297 -5.40 -30.44 8.49
N GLN A 298 -5.80 -29.17 8.44
CA GLN A 298 -5.30 -28.24 7.42
C GLN A 298 -3.80 -28.08 7.52
N THR A 299 -3.16 -28.09 6.36
CA THR A 299 -1.74 -27.88 6.25
C THR A 299 -1.34 -26.53 5.68
N THR A 300 -2.30 -25.78 5.14
CA THR A 300 -2.07 -24.48 4.54
C THR A 300 -3.06 -23.46 5.10
N TYR A 301 -2.62 -22.20 5.21
CA TYR A 301 -3.40 -21.12 5.76
C TYR A 301 -3.06 -19.86 4.96
N GLU A 302 -3.98 -18.90 4.98
CA GLU A 302 -3.88 -17.69 4.16
C GLU A 302 -3.00 -16.57 4.72
N VAL A 303 -2.89 -16.48 6.05
CA VAL A 303 -2.01 -15.49 6.67
C VAL A 303 -0.56 -15.69 6.20
N GLU A 304 0.13 -14.58 5.95
CA GLU A 304 1.45 -14.61 5.35
C GLU A 304 2.47 -14.18 6.40
N GLY A 305 3.63 -14.82 6.39
CA GLY A 305 4.80 -14.42 7.14
C GLY A 305 4.95 -15.03 8.53
N ILE A 306 4.01 -15.86 8.98
CA ILE A 306 4.13 -16.51 10.28
C ILE A 306 3.86 -18.00 10.08
N GLY A 307 4.36 -18.78 11.02
CA GLY A 307 4.30 -20.23 11.00
C GLY A 307 5.24 -20.80 9.97
N TYR A 308 5.78 -21.99 10.30
CA TYR A 308 6.59 -22.80 9.41
C TYR A 308 6.38 -24.28 9.71
N ASP A 309 6.90 -25.11 8.83
CA ASP A 309 6.95 -26.56 9.01
C ASP A 309 8.29 -27.04 9.61
N PHE A 310 9.12 -26.13 10.11
CA PHE A 310 10.37 -26.49 10.79
C PHE A 310 10.62 -25.45 11.88
N ILE A 311 11.52 -25.79 12.81
CA ILE A 311 11.92 -24.88 13.88
C ILE A 311 13.21 -24.18 13.47
N PRO A 312 13.18 -22.87 13.18
CA PRO A 312 14.40 -22.18 12.77
C PRO A 312 15.42 -22.21 13.90
N THR A 313 16.69 -22.37 13.52
CA THR A 313 17.77 -22.40 14.51
C THR A 313 17.78 -21.15 15.40
N VAL A 314 17.33 -20.00 14.87
CA VAL A 314 17.33 -18.80 15.69
C VAL A 314 16.16 -18.71 16.66
N LEU A 315 15.19 -19.61 16.54
CA LEU A 315 14.10 -19.64 17.51
C LEU A 315 14.53 -20.43 18.75
N ASP A 316 14.52 -19.74 19.91
CA ASP A 316 14.70 -20.34 21.22
C ASP A 316 13.31 -20.39 21.87
N ARG A 317 12.69 -21.56 21.78
CA ARG A 317 11.37 -21.84 22.32
C ARG A 317 11.32 -21.89 23.85
N THR A 318 12.46 -22.13 24.49
CA THR A 318 12.49 -22.30 25.93
C THR A 318 12.19 -21.02 26.68
N VAL A 319 12.30 -19.87 26.01
CA VAL A 319 11.98 -18.58 26.62
C VAL A 319 10.54 -18.14 26.41
N VAL A 320 9.73 -18.95 25.74
CA VAL A 320 8.32 -18.66 25.56
C VAL A 320 7.53 -19.34 26.67
N ASP A 321 6.81 -18.55 27.47
CA ASP A 321 6.11 -19.11 28.61
C ASP A 321 4.84 -19.83 28.18
N LYS A 322 4.22 -19.41 27.08
CA LYS A 322 3.03 -20.08 26.58
C LYS A 322 2.82 -19.78 25.10
N TRP A 323 2.32 -20.79 24.38
CA TRP A 323 1.91 -20.66 22.99
C TRP A 323 0.39 -20.59 22.89
N PHE A 324 -0.09 -19.86 21.88
CA PHE A 324 -1.49 -19.90 21.47
C PHE A 324 -1.54 -20.16 19.98
N LYS A 325 -2.50 -20.97 19.55
CA LYS A 325 -2.83 -21.10 18.13
C LYS A 325 -3.82 -20.03 17.67
N SER A 326 -3.67 -19.62 16.41
CA SER A 326 -4.61 -18.73 15.73
C SER A 326 -4.95 -19.28 14.35
N ASN A 327 -6.14 -18.92 13.87
CA ASN A 327 -6.56 -19.25 12.51
C ASN A 327 -6.73 -17.98 11.67
N ASP A 328 -7.01 -18.20 10.37
CA ASP A 328 -7.14 -17.12 9.40
C ASP A 328 -8.34 -16.21 9.71
N GLU A 329 -9.47 -16.83 10.09
CA GLU A 329 -10.69 -16.07 10.35
C GLU A 329 -10.48 -15.08 11.48
N GLU A 330 -9.87 -15.54 12.57
CA GLU A 330 -9.53 -14.67 13.68
C GLU A 330 -8.63 -13.53 13.22
N ALA A 331 -7.58 -13.85 12.47
CA ALA A 331 -6.63 -12.84 12.01
C ALA A 331 -7.30 -11.75 11.18
N PHE A 332 -8.08 -12.12 10.16
CA PHE A 332 -8.66 -11.10 9.30
C PHE A 332 -9.79 -10.35 10.00
N THR A 333 -10.58 -11.03 10.84
CA THR A 333 -11.60 -10.31 11.59
C THR A 333 -10.99 -9.23 12.46
N PHE A 334 -9.93 -9.57 13.19
CA PHE A 334 -9.29 -8.57 14.03
C PHE A 334 -8.49 -7.54 13.23
N ALA A 335 -7.86 -7.90 12.11
CA ALA A 335 -7.20 -6.89 11.29
C ALA A 335 -8.19 -5.84 10.79
N CYS A 336 -9.29 -6.29 10.17
CA CYS A 336 -10.29 -5.32 9.71
C CYS A 336 -10.82 -4.51 10.89
N MET A 337 -10.97 -5.15 12.06
CA MET A 337 -11.45 -4.44 13.24
C MET A 337 -10.45 -3.42 13.74
N LEU A 338 -9.16 -3.78 13.73
CA LEU A 338 -8.09 -2.87 14.12
C LEU A 338 -8.05 -1.64 13.22
N ILE A 339 -8.24 -1.83 11.91
CA ILE A 339 -8.30 -0.69 10.99
C ILE A 339 -9.51 0.18 11.32
N ALA A 340 -10.70 -0.44 11.33
CA ALA A 340 -11.93 0.32 11.44
C ALA A 340 -12.09 0.96 12.82
N GLN A 341 -11.52 0.40 13.88
CA GLN A 341 -11.77 0.93 15.21
C GLN A 341 -10.63 1.79 15.74
N GLU A 342 -9.36 1.40 15.49
CA GLU A 342 -8.20 2.09 16.02
C GLU A 342 -7.43 2.87 14.97
N GLY A 343 -7.75 2.70 13.68
CA GLY A 343 -7.05 3.37 12.61
C GLY A 343 -5.64 2.88 12.33
N LEU A 344 -5.30 1.66 12.74
CA LEU A 344 -3.94 1.16 12.53
C LEU A 344 -3.95 0.39 11.22
N LEU A 345 -3.39 0.97 10.17
CA LEU A 345 -3.33 0.32 8.86
C LEU A 345 -2.22 -0.71 8.94
N CYS A 346 -2.57 -1.97 9.20
CA CYS A 346 -1.61 -3.03 9.43
C CYS A 346 -2.08 -4.33 8.76
N GLY A 347 -1.18 -5.32 8.74
CA GLY A 347 -1.48 -6.59 8.12
C GLY A 347 -2.16 -7.63 8.99
N GLY A 348 -2.32 -8.80 8.36
CA GLY A 348 -3.00 -9.92 8.99
C GLY A 348 -2.25 -10.52 10.16
N SER A 349 -0.93 -10.55 10.10
CA SER A 349 -0.16 -11.09 11.21
C SER A 349 -0.35 -10.26 12.48
N ALA A 350 -0.54 -8.96 12.32
CA ALA A 350 -0.94 -8.11 13.44
C ALA A 350 -2.34 -8.50 13.97
N GLY A 351 -3.27 -8.79 13.06
CA GLY A 351 -4.56 -9.30 13.49
C GLY A 351 -4.48 -10.58 14.30
N SER A 352 -3.72 -11.56 13.84
CA SER A 352 -3.52 -12.79 14.62
C SER A 352 -2.97 -12.47 16.01
N THR A 353 -1.99 -11.58 16.09
CA THR A 353 -1.39 -11.27 17.38
C THR A 353 -2.39 -10.64 18.35
N VAL A 354 -3.21 -9.69 17.87
CA VAL A 354 -4.19 -9.07 18.77
C VAL A 354 -5.34 -10.01 19.11
N ALA A 355 -5.75 -10.83 18.14
CA ALA A 355 -6.76 -11.86 18.40
C ALA A 355 -6.33 -12.80 19.52
N VAL A 356 -5.04 -13.11 19.59
CA VAL A 356 -4.55 -13.87 20.75
C VAL A 356 -4.48 -13.01 22.00
N ALA A 357 -4.02 -11.77 21.88
CA ALA A 357 -3.84 -10.91 23.05
C ALA A 357 -5.13 -10.72 23.84
N VAL A 358 -6.27 -10.58 23.16
CA VAL A 358 -7.52 -10.42 23.90
C VAL A 358 -7.91 -11.66 24.72
N LYS A 359 -7.32 -12.82 24.45
CA LYS A 359 -7.53 -14.01 25.26
C LYS A 359 -6.47 -14.15 26.35
N ALA A 360 -5.21 -14.05 25.95
CA ALA A 360 -4.11 -14.29 26.89
C ALA A 360 -4.10 -13.25 28.01
N ALA A 361 -4.39 -12.00 27.69
CA ALA A 361 -4.33 -10.94 28.70
C ALA A 361 -5.56 -10.90 29.62
N GLN A 362 -6.54 -11.80 29.47
CA GLN A 362 -7.66 -11.79 30.40
C GLN A 362 -7.25 -12.02 31.86
N GLU A 363 -6.13 -12.71 32.12
CA GLU A 363 -5.69 -12.90 33.51
C GLU A 363 -5.14 -11.64 34.15
N LEU A 364 -4.82 -10.61 33.36
CA LEU A 364 -4.29 -9.37 33.91
C LEU A 364 -5.40 -8.42 34.38
N GLN A 365 -5.09 -7.63 35.40
CA GLN A 365 -6.00 -6.66 35.97
C GLN A 365 -5.56 -5.22 35.64
N GLU A 366 -6.40 -4.27 36.06
CA GLU A 366 -6.15 -2.83 35.96
C GLU A 366 -4.86 -2.41 36.64
N GLY A 367 -4.21 -1.43 35.98
CA GLY A 367 -2.91 -0.92 36.34
C GLY A 367 -1.77 -1.71 35.72
N GLN A 368 -2.05 -2.88 35.16
CA GLN A 368 -1.11 -3.64 34.35
C GLN A 368 -1.19 -3.29 32.85
N ARG A 369 -0.16 -3.74 32.11
CA ARG A 369 -0.04 -3.44 30.70
C ARG A 369 0.40 -4.68 29.91
N CYS A 370 -0.24 -4.90 28.77
CA CYS A 370 0.18 -5.87 27.76
C CYS A 370 0.63 -5.16 26.49
N VAL A 371 1.80 -5.53 25.97
CA VAL A 371 2.31 -5.02 24.68
C VAL A 371 2.17 -6.10 23.60
N VAL A 372 1.62 -5.70 22.45
CA VAL A 372 1.49 -6.52 21.25
C VAL A 372 2.40 -5.95 20.15
N ILE A 373 3.02 -6.85 19.39
CA ILE A 373 3.86 -6.47 18.24
C ILE A 373 3.05 -6.52 16.96
N LEU A 374 3.01 -5.38 16.23
CA LEU A 374 2.29 -5.35 14.94
C LEU A 374 3.22 -5.34 13.73
N PRO A 375 3.43 -6.50 13.05
CA PRO A 375 4.64 -6.63 12.22
C PRO A 375 4.61 -5.80 10.95
N ASP A 376 3.45 -5.68 10.27
CA ASP A 376 3.48 -5.01 8.97
C ASP A 376 2.15 -4.35 8.57
N SER A 377 2.23 -3.62 7.44
CA SER A 377 1.17 -2.77 6.90
C SER A 377 0.24 -3.46 5.91
N VAL A 378 -0.91 -2.82 5.70
CA VAL A 378 -1.89 -3.18 4.67
C VAL A 378 -1.37 -3.11 3.24
N ARG A 379 -0.30 -2.36 2.98
CA ARG A 379 0.20 -2.23 1.61
C ARG A 379 0.42 -3.59 0.93
N ASN A 380 0.83 -4.60 1.67
CA ASN A 380 1.05 -5.93 1.10
C ASN A 380 -0.23 -6.73 0.87
N TYR A 381 -1.38 -6.24 1.33
CA TYR A 381 -2.61 -7.03 1.44
C TYR A 381 -3.81 -6.29 0.85
N MET A 382 -3.57 -5.31 -0.03
CA MET A 382 -4.64 -4.46 -0.56
C MET A 382 -5.76 -5.25 -1.23
N THR A 383 -5.40 -6.30 -1.96
CA THR A 383 -6.37 -7.11 -2.71
C THR A 383 -6.79 -8.40 -2.04
N LYS A 384 -6.27 -8.71 -0.87
CA LYS A 384 -6.67 -9.90 -0.14
C LYS A 384 -7.69 -9.51 0.92
N PHE A 385 -7.34 -9.56 2.22
CA PHE A 385 -8.37 -9.36 3.25
C PHE A 385 -9.02 -7.99 3.18
N LEU A 386 -8.40 -7.00 2.53
CA LEU A 386 -9.06 -5.70 2.34
C LEU A 386 -10.21 -5.77 1.33
N SER A 387 -10.16 -6.70 0.37
CA SER A 387 -11.21 -6.85 -0.62
C SER A 387 -12.27 -7.79 -0.04
N ASP A 388 -13.50 -7.30 0.11
CA ASP A 388 -14.61 -8.13 0.58
C ASP A 388 -14.89 -9.36 -0.28
N ARG A 389 -14.74 -9.25 -1.61
CA ARG A 389 -14.96 -10.39 -2.49
C ARG A 389 -14.01 -11.55 -2.16
N TRP A 390 -12.75 -11.26 -1.87
CA TRP A 390 -11.78 -12.31 -1.53
C TRP A 390 -12.14 -12.96 -0.19
N MET A 391 -12.54 -12.14 0.78
CA MET A 391 -12.98 -12.65 2.07
C MET A 391 -14.20 -13.56 1.96
N LEU A 392 -15.17 -13.17 1.13
CA LEU A 392 -16.32 -14.04 0.86
C LEU A 392 -15.88 -15.31 0.14
N GLN A 393 -15.05 -15.16 -0.88
CA GLN A 393 -14.57 -16.30 -1.65
C GLN A 393 -13.82 -17.32 -0.83
N LYS A 394 -13.11 -16.87 0.17
CA LYS A 394 -12.35 -17.76 1.05
C LYS A 394 -13.19 -18.25 2.21
N GLY A 395 -14.43 -17.76 2.33
CA GLY A 395 -15.33 -18.21 3.38
C GLY A 395 -15.11 -17.59 4.73
N PHE A 396 -14.32 -16.52 4.80
CA PHE A 396 -14.14 -15.80 6.05
C PHE A 396 -15.29 -14.84 6.36
N LEU A 397 -16.18 -14.55 5.41
CA LEU A 397 -17.39 -13.76 5.69
C LEU A 397 -18.69 -14.43 5.26
N LYS A 398 -19.65 -14.55 6.18
CA LYS A 398 -20.99 -15.01 5.84
C LYS A 398 -21.89 -13.82 5.50
N GLU A 399 -22.77 -14.01 4.52
CA GLU A 399 -23.78 -13.03 4.12
C GLU A 399 -24.80 -12.69 5.23
N GLU A 400 -25.19 -13.66 6.05
CA GLU A 400 -26.11 -13.40 7.16
C GLU A 400 -25.61 -12.30 8.11
N ASP A 401 -24.40 -12.45 8.64
CA ASP A 401 -23.91 -11.42 9.56
C ASP A 401 -23.81 -10.06 8.88
N LEU A 402 -23.38 -10.05 7.61
CA LEU A 402 -23.34 -8.80 6.85
C LEU A 402 -24.73 -8.16 6.76
N THR A 403 -25.75 -8.96 6.45
CA THR A 403 -27.09 -8.40 6.37
C THR A 403 -27.57 -7.90 7.72
N GLU A 404 -27.18 -8.55 8.83
CA GLU A 404 -27.55 -8.02 10.13
C GLU A 404 -26.99 -6.61 10.33
N LYS A 405 -25.81 -6.33 9.76
CA LYS A 405 -25.20 -4.99 9.83
C LYS A 405 -25.70 -4.07 8.73
N LYS A 406 -26.61 -4.58 7.81
CA LYS A 406 -26.91 -3.66 6.74
C LYS A 406 -28.14 -2.81 7.09
N PRO A 407 -28.23 -1.62 6.51
CA PRO A 407 -29.43 -0.80 6.74
C PRO A 407 -30.72 -1.44 6.23
N TRP A 408 -31.83 -0.95 6.79
CA TRP A 408 -33.14 -1.43 6.36
C TRP A 408 -33.34 -1.31 4.87
N TRP A 409 -32.75 -0.29 4.24
CA TRP A 409 -33.02 -0.19 2.82
C TRP A 409 -32.13 -1.14 2.02
N TRP A 410 -31.13 -1.76 2.66
CA TRP A 410 -30.13 -2.45 1.86
C TRP A 410 -30.82 -3.53 1.04
N HIS A 411 -31.84 -4.18 1.61
CA HIS A 411 -32.65 -5.21 0.95
C HIS A 411 -33.95 -4.53 0.51
N LEU A 412 -33.86 -3.71 -0.53
CA LEU A 412 -35.02 -3.06 -1.16
C LEU A 412 -34.79 -2.95 -2.66
N ARG A 413 -35.87 -2.82 -3.42
CA ARG A 413 -35.73 -2.72 -4.88
C ARG A 413 -35.57 -1.28 -5.35
N VAL A 414 -34.82 -1.13 -6.46
CA VAL A 414 -34.62 0.17 -7.13
C VAL A 414 -35.95 0.81 -7.53
N GLN A 415 -36.93 -0.01 -7.89
CA GLN A 415 -38.27 0.47 -8.23
C GLN A 415 -38.90 1.26 -7.10
N GLU A 416 -38.45 1.06 -5.86
CA GLU A 416 -39.09 1.80 -4.78
C GLU A 416 -38.74 3.28 -4.79
N LEU A 417 -37.70 3.67 -5.54
CA LEU A 417 -37.31 5.06 -5.72
C LEU A 417 -38.31 5.85 -6.58
N GLY A 418 -39.30 5.18 -7.20
CA GLY A 418 -40.24 5.84 -8.09
C GLY A 418 -39.56 6.26 -9.39
N LEU A 419 -38.41 6.91 -9.31
CA LEU A 419 -37.72 7.46 -10.48
C LEU A 419 -38.51 8.44 -11.35
N SER A 420 -38.10 8.58 -12.62
CA SER A 420 -38.76 9.31 -13.69
C SER A 420 -38.03 9.01 -15.00
N ALA A 421 -38.78 8.72 -16.06
CA ALA A 421 -38.15 8.49 -17.36
C ALA A 421 -37.45 9.74 -17.92
N PRO A 422 -36.15 9.66 -18.26
CA PRO A 422 -35.41 10.81 -18.79
C PRO A 422 -35.66 11.05 -20.28
N LEU A 423 -35.41 12.29 -20.71
CA LEU A 423 -35.12 12.60 -22.10
C LEU A 423 -33.76 12.07 -22.61
N THR A 424 -33.75 11.48 -23.81
CA THR A 424 -32.52 11.12 -24.53
C THR A 424 -32.27 12.05 -25.73
N VAL A 425 -30.97 12.26 -26.04
CA VAL A 425 -30.53 13.02 -27.22
C VAL A 425 -29.52 12.25 -28.09
N LEU A 426 -29.49 12.57 -29.39
CA LEU A 426 -28.48 12.01 -30.29
C LEU A 426 -27.10 12.63 -30.08
N PRO A 427 -26.02 11.86 -30.35
CA PRO A 427 -24.65 12.39 -30.20
C PRO A 427 -24.27 13.49 -31.19
N THR A 428 -24.96 13.61 -32.32
CA THR A 428 -24.66 14.63 -33.31
C THR A 428 -25.24 15.99 -32.93
N ILE A 429 -26.05 16.03 -31.87
CA ILE A 429 -26.60 17.29 -31.41
C ILE A 429 -25.49 18.25 -30.96
N THR A 430 -25.78 19.54 -31.09
CA THR A 430 -24.91 20.64 -30.70
C THR A 430 -25.13 21.02 -29.23
N CYS A 431 -24.13 21.68 -28.66
CA CYS A 431 -24.20 22.13 -27.27
C CYS A 431 -25.36 23.09 -27.04
N GLY A 432 -25.52 24.06 -27.93
CA GLY A 432 -26.59 25.03 -27.79
C GLY A 432 -27.97 24.42 -27.82
N HIS A 433 -28.21 23.54 -28.79
CA HIS A 433 -29.49 22.88 -28.94
C HIS A 433 -29.75 21.98 -27.74
N THR A 434 -28.69 21.41 -27.15
CA THR A 434 -28.86 20.67 -25.92
C THR A 434 -29.35 21.56 -24.77
N ILE A 435 -28.73 22.73 -24.60
CA ILE A 435 -29.20 23.67 -23.56
C ILE A 435 -30.64 24.09 -23.82
N GLU A 436 -30.96 24.42 -25.08
CA GLU A 436 -32.31 24.84 -25.41
C GLU A 436 -33.33 23.75 -25.04
N ILE A 437 -33.11 22.54 -25.51
CA ILE A 437 -34.07 21.47 -25.25
C ILE A 437 -34.18 21.17 -23.75
N LEU A 438 -33.04 21.09 -23.04
CA LEU A 438 -33.09 20.81 -21.62
C LEU A 438 -33.88 21.85 -20.82
N ARG A 439 -33.63 23.14 -21.05
CA ARG A 439 -34.41 24.15 -20.32
C ARG A 439 -35.89 24.15 -20.71
N GLU A 440 -36.18 24.05 -22.01
CA GLU A 440 -37.57 24.05 -22.49
C GLU A 440 -38.35 22.87 -21.94
N LYS A 441 -37.73 21.69 -21.82
CA LYS A 441 -38.44 20.54 -21.28
C LYS A 441 -38.30 20.46 -19.75
N GLY A 442 -37.49 21.34 -19.15
CA GLY A 442 -37.28 21.36 -17.72
C GLY A 442 -36.50 20.21 -17.13
N PHE A 443 -35.53 19.67 -17.86
CA PHE A 443 -34.65 18.62 -17.36
C PHE A 443 -33.24 19.18 -17.13
N ASP A 444 -32.59 18.70 -16.07
CA ASP A 444 -31.22 19.08 -15.80
C ASP A 444 -30.22 18.16 -16.48
N GLN A 445 -30.70 17.02 -16.99
CA GLN A 445 -29.79 16.05 -17.56
C GLN A 445 -30.47 15.16 -18.58
N ALA A 446 -29.64 14.65 -19.49
CA ALA A 446 -30.07 13.71 -20.47
C ALA A 446 -29.01 12.66 -20.77
N PRO A 447 -29.40 11.39 -20.79
CA PRO A 447 -28.57 10.38 -21.47
C PRO A 447 -28.42 10.65 -22.96
N VAL A 448 -27.19 10.49 -23.44
CA VAL A 448 -26.87 10.52 -24.85
C VAL A 448 -26.99 9.09 -25.34
N VAL A 449 -27.93 8.84 -26.27
CA VAL A 449 -28.21 7.50 -26.76
C VAL A 449 -28.00 7.64 -28.27
N ASP A 450 -28.08 6.56 -29.03
CA ASP A 450 -27.87 6.67 -30.46
C ASP A 450 -29.00 6.05 -31.27
N GLU A 451 -28.90 6.23 -32.60
CA GLU A 451 -29.90 5.64 -33.47
C GLU A 451 -29.80 4.12 -33.39
N ALA A 452 -28.58 3.62 -33.18
CA ALA A 452 -28.34 2.20 -33.00
C ALA A 452 -28.75 1.71 -31.61
N GLY A 453 -28.99 2.64 -30.67
CA GLY A 453 -29.32 2.32 -29.30
C GLY A 453 -28.14 2.15 -28.35
N VAL A 454 -26.92 2.52 -28.74
CA VAL A 454 -25.81 2.49 -27.82
C VAL A 454 -25.85 3.73 -26.95
N ILE A 455 -25.83 3.54 -25.63
CA ILE A 455 -25.79 4.67 -24.69
C ILE A 455 -24.33 5.15 -24.61
N LEU A 456 -24.10 6.40 -24.97
CA LEU A 456 -22.73 6.89 -24.97
C LEU A 456 -22.35 7.66 -23.70
N GLY A 457 -23.31 8.13 -22.92
CA GLY A 457 -22.95 8.88 -21.72
C GLY A 457 -24.08 9.78 -21.27
N MET A 458 -23.68 10.80 -20.50
CA MET A 458 -24.54 11.83 -19.94
C MET A 458 -24.10 13.22 -20.35
N VAL A 459 -25.10 14.12 -20.49
CA VAL A 459 -24.85 15.56 -20.54
C VAL A 459 -25.72 16.21 -19.48
N THR A 460 -25.19 17.27 -18.88
CA THR A 460 -25.92 18.03 -17.88
C THR A 460 -25.92 19.52 -18.23
N LEU A 461 -27.03 20.16 -17.87
CA LEU A 461 -27.19 21.60 -18.06
C LEU A 461 -26.15 22.43 -17.31
N GLY A 462 -25.89 22.10 -16.04
CA GLY A 462 -24.93 22.88 -15.27
C GLY A 462 -23.57 22.89 -15.93
N ASN A 463 -23.09 21.71 -16.33
CA ASN A 463 -21.79 21.57 -16.97
C ASN A 463 -21.77 22.12 -18.37
N MET A 464 -22.88 22.02 -19.12
CA MET A 464 -22.91 22.65 -20.42
C MET A 464 -22.82 24.17 -20.32
N LEU A 465 -23.59 24.76 -19.40
CA LEU A 465 -23.51 26.20 -19.21
C LEU A 465 -22.15 26.65 -18.69
N SER A 466 -21.61 25.98 -17.66
CA SER A 466 -20.27 26.35 -17.22
C SER A 466 -19.25 26.27 -18.36
N SER A 467 -19.27 25.21 -19.16
CA SER A 467 -18.30 25.10 -20.24
C SER A 467 -18.48 26.18 -21.31
N LEU A 468 -19.72 26.52 -21.69
CA LEU A 468 -19.90 27.63 -22.63
C LEU A 468 -19.49 28.97 -22.03
N LEU A 469 -19.95 29.25 -20.82
CA LEU A 469 -19.66 30.52 -20.15
C LEU A 469 -18.18 30.70 -19.92
N ALA A 470 -17.46 29.62 -19.69
CA ALA A 470 -16.02 29.63 -19.56
C ALA A 470 -15.30 29.65 -20.91
N GLY A 471 -16.04 29.67 -22.02
CA GLY A 471 -15.44 29.66 -23.33
C GLY A 471 -14.74 28.37 -23.67
N LYS A 472 -15.05 27.31 -22.94
CA LYS A 472 -14.44 26.01 -23.17
C LYS A 472 -15.05 25.29 -24.38
N VAL A 473 -16.30 25.61 -24.72
CA VAL A 473 -16.99 25.09 -25.89
C VAL A 473 -17.75 26.20 -26.62
N GLN A 474 -18.18 25.87 -27.88
CA GLN A 474 -19.04 26.74 -28.66
C GLN A 474 -20.44 26.18 -28.76
N PRO A 475 -21.43 27.05 -28.99
CA PRO A 475 -22.81 26.55 -29.14
C PRO A 475 -22.97 25.54 -30.26
N SER A 476 -22.17 25.68 -31.32
CA SER A 476 -22.13 24.80 -32.47
C SER A 476 -21.27 23.57 -32.27
N ASP A 477 -20.50 23.50 -31.17
CA ASP A 477 -19.64 22.36 -30.91
C ASP A 477 -20.47 21.11 -30.64
N GLN A 478 -19.91 19.97 -31.04
CA GLN A 478 -20.48 18.68 -30.72
C GLN A 478 -20.38 18.38 -29.23
N VAL A 479 -21.41 17.71 -28.70
CA VAL A 479 -21.43 17.33 -27.29
C VAL A 479 -20.27 16.43 -26.95
N GLY A 480 -19.70 15.79 -27.96
CA GLY A 480 -18.55 14.93 -27.80
C GLY A 480 -17.35 15.57 -27.18
CA LYS A 481 -16.10 17.28 -25.33
C LYS A 481 -16.65 17.51 -23.93
N VAL A 482 -17.97 17.49 -23.79
CA VAL A 482 -18.62 17.80 -22.51
C VAL A 482 -19.35 16.61 -21.91
N ILE A 483 -19.55 15.53 -22.67
CA ILE A 483 -20.25 14.34 -22.20
C ILE A 483 -19.54 13.71 -21.00
N TYR A 484 -20.32 13.27 -20.00
CA TYR A 484 -19.78 12.39 -18.95
C TYR A 484 -19.87 10.93 -19.45
N LYS A 485 -18.73 10.37 -19.81
CA LYS A 485 -18.71 9.06 -20.43
C LYS A 485 -18.88 7.87 -19.49
N GLN A 486 -18.58 8.02 -18.21
CA GLN A 486 -18.64 6.91 -17.26
C GLN A 486 -19.98 6.75 -16.51
N PHE A 487 -20.49 5.52 -16.51
CA PHE A 487 -21.69 5.15 -15.78
C PHE A 487 -21.79 3.63 -15.65
N LYS A 488 -22.72 3.19 -14.79
CA LYS A 488 -23.06 1.79 -14.58
C LYS A 488 -24.54 1.54 -14.84
N GLN A 489 -24.83 0.39 -15.46
CA GLN A 489 -26.18 -0.12 -15.72
C GLN A 489 -26.83 -0.86 -14.53
N ILE A 490 -28.15 -0.69 -14.39
CA ILE A 490 -28.96 -1.38 -13.38
C ILE A 490 -30.31 -1.83 -13.93
N ARG A 491 -30.92 -2.81 -13.26
CA ARG A 491 -32.27 -3.23 -13.63
C ARG A 491 -33.21 -2.63 -12.59
N LEU A 492 -34.48 -2.44 -12.99
CA LEU A 492 -35.49 -2.02 -12.01
C LEU A 492 -35.58 -2.94 -10.79
N THR A 493 -35.29 -4.22 -10.98
CA THR A 493 -35.37 -5.27 -9.98
C THR A 493 -34.11 -5.48 -9.14
N ASP A 494 -33.04 -4.72 -9.36
CA ASP A 494 -31.89 -4.80 -8.46
C ASP A 494 -32.14 -4.17 -7.09
N THR A 495 -31.24 -4.50 -6.15
CA THR A 495 -31.35 -4.03 -4.77
C THR A 495 -30.64 -2.67 -4.64
N LEU A 496 -31.05 -1.91 -3.62
CA LEU A 496 -30.40 -0.64 -3.25
C LEU A 496 -28.97 -0.76 -2.70
N GLY A 497 -28.64 -1.86 -2.02
CA GLY A 497 -27.25 -2.11 -1.64
C GLY A 497 -26.31 -2.23 -2.83
N ARG A 498 -26.78 -2.87 -3.89
CA ARG A 498 -26.02 -2.95 -5.13
C ARG A 498 -25.78 -1.58 -5.72
N LEU A 499 -26.81 -0.74 -5.68
CA LEU A 499 -26.64 0.65 -6.10
C LEU A 499 -25.58 1.36 -5.25
N SER A 500 -25.63 1.19 -3.93
CA SER A 500 -24.63 1.80 -3.07
C SER A 500 -23.19 1.42 -3.46
N HIS A 501 -22.93 0.14 -3.72
CA HIS A 501 -21.58 -0.23 -4.13
C HIS A 501 -21.17 0.37 -5.48
N ILE A 502 -22.13 0.46 -6.40
CA ILE A 502 -21.82 1.11 -7.66
C ILE A 502 -21.46 2.56 -7.41
N LEU A 503 -22.20 3.20 -6.52
CA LEU A 503 -21.96 4.61 -6.20
C LEU A 503 -20.67 4.77 -5.42
N GLU A 504 -20.11 3.67 -4.88
CA GLU A 504 -18.76 3.78 -4.32
C GLU A 504 -17.74 3.86 -5.46
N MET A 505 -18.14 3.46 -6.67
CA MET A 505 -17.23 3.50 -7.83
C MET A 505 -17.66 4.48 -8.94
N ASP A 506 -18.97 4.68 -9.15
CA ASP A 506 -19.51 5.51 -10.24
C ASP A 506 -20.56 6.51 -9.74
N HIS A 507 -20.59 7.68 -10.38
CA HIS A 507 -21.60 8.68 -10.06
C HIS A 507 -22.99 8.36 -10.66
N PHE A 508 -23.07 7.87 -11.91
CA PHE A 508 -24.34 7.62 -12.59
C PHE A 508 -24.70 6.13 -12.70
N ALA A 509 -25.88 5.76 -12.18
CA ALA A 509 -26.52 4.49 -12.49
C ALA A 509 -27.75 4.64 -13.41
N LEU A 510 -27.68 4.08 -14.63
CA LEU A 510 -28.77 4.06 -15.59
C LEU A 510 -29.59 2.75 -15.54
N VAL A 511 -30.90 2.85 -15.33
CA VAL A 511 -31.82 1.70 -15.29
C VAL A 511 -32.28 1.27 -16.69
N VAL A 512 -31.88 0.05 -17.08
CA VAL A 512 -32.01 -0.59 -18.40
C VAL A 512 -32.75 -1.93 -18.34
N HIS A 513 -33.15 -2.38 -19.53
CA HIS A 513 -33.64 -3.73 -19.81
C HIS A 513 -32.77 -4.38 -20.88
N GLU A 514 -32.62 -5.70 -20.76
CA GLU A 514 -31.90 -6.46 -21.78
C GLU A 514 -32.81 -6.86 -22.91
N ARG A 517 -35.09 -3.98 -25.35
CA ARG A 517 -34.99 -2.57 -25.67
C ARG A 517 -33.95 -1.90 -24.77
N GLN A 518 -32.99 -1.23 -25.40
CA GLN A 518 -31.95 -0.51 -24.68
C GLN A 518 -32.48 0.73 -23.99
N MET A 519 -33.73 1.11 -24.29
CA MET A 519 -34.46 2.21 -23.65
C MET A 519 -34.05 2.38 -22.18
N VAL A 520 -33.87 3.63 -21.79
CA VAL A 520 -33.51 4.01 -20.42
C VAL A 520 -34.75 4.30 -19.57
N PHE A 521 -34.88 3.56 -18.46
CA PHE A 521 -36.02 3.72 -17.56
C PHE A 521 -35.77 4.75 -16.44
N GLY A 522 -34.50 5.09 -16.14
CA GLY A 522 -34.23 6.07 -15.08
C GLY A 522 -32.75 6.36 -14.93
N VAL A 523 -32.47 7.47 -14.24
CA VAL A 523 -31.12 7.90 -13.86
C VAL A 523 -31.02 8.10 -12.35
N VAL A 524 -29.98 7.54 -11.73
CA VAL A 524 -29.82 7.57 -10.29
C VAL A 524 -28.41 8.01 -9.91
N THR A 525 -28.33 8.89 -8.92
CA THR A 525 -27.06 9.32 -8.33
C THR A 525 -27.15 9.03 -6.83
N ALA A 526 -26.04 9.27 -6.13
CA ALA A 526 -26.02 9.12 -4.67
C ALA A 526 -27.01 10.07 -3.98
N ILE A 527 -27.28 11.21 -4.60
CA ILE A 527 -28.21 12.18 -4.02
C ILE A 527 -29.65 11.68 -4.04
N ASP A 528 -30.06 11.00 -5.13
CA ASP A 528 -31.43 10.49 -5.17
C ASP A 528 -31.67 9.42 -4.11
N LEU A 529 -30.71 8.51 -3.92
CA LEU A 529 -30.82 7.52 -2.85
C LEU A 529 -30.85 8.18 -1.48
N LEU A 530 -29.97 9.16 -1.24
CA LEU A 530 -30.00 9.85 0.03
C LEU A 530 -31.35 10.54 0.25
N ASN A 531 -31.91 11.20 -0.78
CA ASN A 531 -33.21 11.86 -0.60
C ASN A 531 -34.30 10.85 -0.24
N PHE A 532 -34.29 9.70 -0.91
CA PHE A 532 -35.25 8.65 -0.57
C PHE A 532 -35.09 8.22 0.89
N VAL A 533 -33.86 7.92 1.31
CA VAL A 533 -33.64 7.48 2.69
C VAL A 533 -34.10 8.54 3.69
N ALA A 534 -33.74 9.80 3.47
CA ALA A 534 -34.13 10.89 4.39
C ALA A 534 -35.63 11.17 4.39
N ALA A 535 -36.29 10.96 3.25
CA ALA A 535 -37.73 11.04 3.19
C ALA A 535 -38.34 9.97 4.08
N GLN A 536 -37.85 8.75 3.92
CA GLN A 536 -38.32 7.62 4.70
C GLN A 536 -38.04 7.82 6.19
N GLU A 537 -36.96 8.51 6.51
CA GLU A 537 -36.66 8.76 7.92
C GLU A 537 -37.62 9.76 8.56
N ARG A 538 -38.19 10.64 7.76
CA ARG A 538 -39.27 11.57 8.17
C ARG A 538 -40.68 10.96 8.30
N ASP A 539 -41.03 10.04 7.42
CA ASP A 539 -42.29 9.31 7.34
C ASP A 539 -42.56 8.37 8.50
N GLN A 540 -41.60 8.04 9.34
CA GLN A 540 -41.97 7.26 10.52
C GLN A 540 -42.51 7.92 11.78
N PRO B 41 -30.43 29.42 -0.25
CA PRO B 41 -29.31 29.11 -1.15
C PRO B 41 -28.05 28.83 -0.34
N LEU B 42 -27.45 27.64 -0.45
CA LEU B 42 -26.22 27.41 0.31
C LEU B 42 -25.18 26.67 -0.52
N TRP B 43 -24.27 27.45 -1.07
CA TRP B 43 -23.09 26.95 -1.77
C TRP B 43 -22.07 28.04 -1.50
N ILE B 44 -20.85 27.69 -1.15
CA ILE B 44 -19.79 28.68 -0.94
C ILE B 44 -18.72 28.40 -1.99
N ARG B 45 -18.42 29.40 -2.81
CA ARG B 45 -17.42 29.18 -3.84
C ARG B 45 -16.02 28.87 -3.29
N PRO B 46 -15.41 27.78 -3.74
CA PRO B 46 -14.05 27.44 -3.28
C PRO B 46 -12.98 28.35 -3.90
N ASP B 47 -13.33 29.14 -4.93
CA ASP B 47 -12.39 30.02 -5.61
C ASP B 47 -12.60 31.49 -5.24
N ALA B 48 -13.38 31.79 -4.18
CA ALA B 48 -13.54 33.16 -3.72
C ALA B 48 -12.19 33.78 -3.33
N PRO B 49 -11.99 35.07 -3.64
CA PRO B 49 -10.76 35.76 -3.23
C PRO B 49 -10.55 35.69 -1.72
N SER B 50 -9.30 35.46 -1.32
CA SER B 50 -8.98 35.44 0.10
C SER B 50 -9.23 36.82 0.70
N ARG B 51 -9.85 36.83 1.88
CA ARG B 51 -10.09 38.01 2.70
C ARG B 51 -9.00 38.20 3.73
N CYS B 52 -7.92 37.43 3.62
CA CYS B 52 -6.87 37.43 4.61
C CYS B 52 -6.09 38.71 4.50
N THR B 53 -5.94 39.40 5.62
CA THR B 53 -5.23 40.65 5.66
C THR B 53 -3.75 40.46 5.98
N TRP B 54 -3.24 39.24 5.89
CA TRP B 54 -1.81 39.00 6.02
C TRP B 54 -1.07 39.69 4.87
N GLN B 55 0.08 40.27 5.19
CA GLN B 55 1.04 40.75 4.21
C GLN B 55 2.42 40.59 4.82
N LEU B 56 3.40 40.40 3.93
CA LEU B 56 4.78 40.26 4.34
C LEU B 56 5.26 41.47 5.16
N GLY B 57 5.93 41.17 6.30
CA GLY B 57 6.44 42.17 7.21
C GLY B 57 5.55 42.49 8.40
N ARG B 58 4.34 41.98 8.43
CA ARG B 58 3.50 42.12 9.62
C ARG B 58 4.04 41.34 10.83
N PRO B 59 4.00 41.93 12.04
CA PRO B 59 4.38 41.17 13.23
C PRO B 59 3.45 39.97 13.40
N ALA B 60 4.03 38.82 13.74
CA ALA B 60 3.25 37.60 13.96
C ALA B 60 2.19 37.72 15.07
N SER B 61 2.37 38.63 16.02
CA SER B 61 1.43 38.91 17.09
C SER B 61 0.10 39.53 16.64
N GLU B 62 0.00 40.05 15.42
CA GLU B 62 -1.25 40.60 14.90
C GLU B 62 -2.24 39.58 14.35
N SER B 63 -1.85 38.31 14.23
CA SER B 63 -2.75 37.28 13.69
C SER B 63 -4.01 37.04 14.53
N PRO B 64 -5.20 37.08 13.91
CA PRO B 64 -6.42 36.72 14.63
C PRO B 64 -6.61 35.22 14.77
N HIS B 65 -5.79 34.40 14.11
CA HIS B 65 -6.04 32.96 14.07
C HIS B 65 -5.48 32.39 15.38
N HIS B 66 -6.13 31.34 15.90
CA HIS B 66 -5.52 30.60 17.00
C HIS B 66 -4.41 29.70 16.44
N HIS B 67 -3.20 29.88 16.98
CA HIS B 67 -2.01 29.14 16.61
C HIS B 67 -1.60 28.13 17.69
N THR B 68 -1.16 26.94 17.27
CA THR B 68 -0.69 25.89 18.17
C THR B 68 0.75 25.52 17.81
N ALA B 69 1.70 25.81 18.69
CA ALA B 69 3.10 25.44 18.42
C ALA B 69 3.30 23.93 18.59
N PRO B 70 4.21 23.33 17.82
CA PRO B 70 4.56 21.92 18.05
C PRO B 70 5.05 21.58 19.45
N ALA B 71 4.49 20.48 20.00
CA ALA B 71 4.80 19.92 21.31
C ALA B 71 5.40 18.53 21.15
N LYS B 72 6.26 18.15 22.09
CA LYS B 72 6.84 16.82 22.15
C LYS B 72 5.81 15.76 22.50
N SER B 73 5.76 14.68 21.72
CA SER B 73 4.91 13.55 22.01
C SER B 73 5.36 12.82 23.28
N PRO B 74 4.42 12.33 24.09
CA PRO B 74 4.80 11.47 25.21
C PRO B 74 5.34 10.15 24.66
N LYS B 75 5.99 9.40 25.56
CA LYS B 75 6.56 8.10 25.18
C LYS B 75 5.50 7.15 24.63
N ILE B 76 4.32 7.13 25.23
CA ILE B 76 3.19 6.33 24.74
C ILE B 76 2.12 7.26 24.19
N LEU B 77 1.84 7.11 22.91
CA LEU B 77 0.80 7.86 22.26
C LEU B 77 -0.58 7.35 22.67
N PRO B 78 -1.50 8.24 23.06
CA PRO B 78 -2.84 7.79 23.45
C PRO B 78 -3.65 7.21 22.29
N ASP B 79 -3.38 7.63 21.06
CA ASP B 79 -4.00 7.10 19.85
C ASP B 79 -3.06 7.40 18.68
N ILE B 80 -3.38 6.82 17.53
CA ILE B 80 -2.52 6.91 16.35
C ILE B 80 -2.47 8.30 15.75
N LEU B 81 -3.44 9.16 16.06
CA LEU B 81 -3.43 10.51 15.49
C LEU B 81 -2.24 11.35 15.95
N LYS B 82 -1.67 11.06 17.12
CA LYS B 82 -0.43 11.70 17.54
C LYS B 82 0.82 11.28 16.75
N LYS B 83 0.69 10.34 15.80
CA LYS B 83 1.79 9.95 14.92
C LYS B 83 1.75 10.73 13.61
N ILE B 84 1.12 11.90 13.63
CA ILE B 84 1.07 12.80 12.49
C ILE B 84 2.06 13.91 12.78
N GLY B 85 2.95 14.17 11.81
CA GLY B 85 4.05 15.10 11.96
C GLY B 85 5.41 14.42 12.25
N ASP B 86 6.40 15.28 12.48
CA ASP B 86 7.81 14.90 12.66
C ASP B 86 8.33 13.97 11.57
N THR B 87 7.98 14.26 10.35
CA THR B 87 8.40 13.41 9.27
C THR B 87 9.88 13.67 8.95
N PRO B 88 10.60 12.64 8.49
CA PRO B 88 12.06 12.77 8.28
C PRO B 88 12.42 13.62 7.06
N MET B 89 13.55 14.33 7.20
CA MET B 89 14.26 14.96 6.08
C MET B 89 15.41 14.06 5.62
N VAL B 90 15.40 13.69 4.32
CA VAL B 90 16.34 12.72 3.76
C VAL B 90 17.13 13.29 2.59
N ARG B 91 18.44 13.05 2.57
CA ARG B 91 19.24 13.43 1.42
C ARG B 91 18.98 12.54 0.22
N ILE B 92 18.84 13.17 -0.95
CA ILE B 92 18.82 12.47 -2.24
C ILE B 92 20.26 12.36 -2.73
N ASN B 93 20.74 11.13 -2.91
CA ASN B 93 22.17 10.93 -3.08
C ASN B 93 22.60 10.71 -4.52
N LYS B 94 21.75 10.06 -5.33
CA LYS B 94 22.12 9.67 -6.68
C LYS B 94 21.42 10.54 -7.72
N ILE B 95 20.11 10.73 -7.59
CA ILE B 95 19.36 11.41 -8.66
C ILE B 95 19.87 12.83 -8.84
N GLY B 96 20.08 13.55 -7.74
CA GLY B 96 20.59 14.90 -7.86
C GLY B 96 21.88 14.96 -8.66
N LYS B 97 22.81 14.05 -8.37
CA LYS B 97 24.08 14.03 -9.10
C LYS B 97 23.90 13.66 -10.58
N LYS B 98 23.00 12.71 -10.87
CA LYS B 98 22.72 12.27 -12.25
C LYS B 98 22.31 13.35 -13.23
N PHE B 99 21.56 14.35 -12.78
CA PHE B 99 21.14 15.44 -13.64
C PHE B 99 22.01 16.67 -13.50
N GLY B 100 23.17 16.53 -12.88
CA GLY B 100 24.14 17.60 -12.82
C GLY B 100 23.85 18.64 -11.78
N LEU B 101 22.94 18.37 -10.85
CA LEU B 101 22.74 19.30 -9.74
C LEU B 101 24.02 19.32 -8.93
N LYS B 102 24.46 20.51 -8.56
CA LYS B 102 25.64 20.64 -7.73
C LYS B 102 25.31 20.76 -6.24
N CYS B 103 24.13 21.28 -5.93
CA CYS B 103 23.64 21.44 -4.57
C CYS B 103 23.22 20.12 -3.92
N GLU B 104 23.12 20.19 -2.59
CA GLU B 104 22.46 19.18 -1.78
C GLU B 104 20.94 19.22 -1.99
N LEU B 105 20.38 18.08 -2.39
CA LEU B 105 18.94 17.90 -2.54
C LEU B 105 18.36 17.11 -1.36
N LEU B 106 17.38 17.69 -0.67
CA LEU B 106 16.74 17.08 0.49
C LEU B 106 15.25 16.88 0.23
N ALA B 107 14.70 15.78 0.71
CA ALA B 107 13.29 15.44 0.60
C ALA B 107 12.62 15.38 1.97
N LYS B 108 11.54 16.14 2.14
CA LYS B 108 10.65 16.01 3.30
C LYS B 108 9.63 14.92 2.97
N CYS B 109 9.83 13.72 3.55
CA CYS B 109 9.06 12.51 3.19
C CYS B 109 7.78 12.41 4.02
N GLU B 110 6.73 13.07 3.54
CA GLU B 110 5.46 13.12 4.26
C GLU B 110 4.66 11.81 4.26
N PHE B 111 5.01 10.82 3.43
CA PHE B 111 4.30 9.54 3.39
C PHE B 111 4.54 8.70 4.66
N PHE B 112 5.35 9.16 5.59
CA PHE B 112 5.51 8.48 6.87
C PHE B 112 4.49 8.89 7.92
N ASN B 113 3.52 9.73 7.58
CA ASN B 113 2.42 9.99 8.48
C ASN B 113 1.52 8.74 8.58
N ALA B 114 0.69 8.76 9.61
CA ALA B 114 -0.12 7.59 9.94
C ALA B 114 -0.99 7.13 8.76
N GLY B 115 -1.63 8.07 8.07
CA GLY B 115 -2.39 7.73 6.88
C GLY B 115 -1.60 7.63 5.60
N GLY B 116 -0.34 8.02 5.64
CA GLY B 116 0.55 7.92 4.51
C GLY B 116 0.50 9.08 3.55
N SER B 117 0.05 10.26 3.99
CA SER B 117 -0.01 11.42 3.12
C SER B 117 0.19 12.65 3.99
N VAL B 118 0.54 13.76 3.32
CA VAL B 118 0.59 15.07 3.96
C VAL B 118 -0.78 15.53 4.49
N1 LLP B 119 0.10 15.42 -3.59
C2 LLP B 119 -0.95 14.68 -3.09
C2' LLP B 119 -0.83 13.20 -3.31
C3 LLP B 119 -1.99 15.31 -2.41
O3 LLP B 119 -3.02 14.58 -1.89
C4 LLP B 119 -1.98 16.69 -2.23
C4' LLP B 119 -3.12 17.42 -1.58
C5 LLP B 119 -0.91 17.45 -2.74
C6 LLP B 119 0.13 16.81 -3.44
C5' LLP B 119 -0.83 18.96 -2.64
OP4 LLP B 119 -0.80 19.55 -1.37
P LLP B 119 -1.40 21.03 -1.23
OP1 LLP B 119 -1.24 21.54 0.18
OP2 LLP B 119 -0.70 21.97 -2.18
OP3 LLP B 119 -2.85 20.97 -1.56
N LLP B 119 -1.86 14.98 3.94
CA LLP B 119 -3.17 15.49 4.32
CB LLP B 119 -4.22 14.98 3.35
CG LLP B 119 -4.14 15.39 1.90
CD LLP B 119 -4.35 16.88 1.74
CE LLP B 119 -4.42 17.28 0.26
NZ LLP B 119 -3.02 17.18 -0.17
C LLP B 119 -3.58 15.05 5.70
O LLP B 119 -4.38 15.76 6.35
H2'1 LLP B 119 -0.55 12.72 -2.38
H2'2 LLP B 119 -1.79 12.81 -3.67
H2'3 LLP B 119 -0.06 13.01 -4.06
HO3 LLP B 119 -3.54 15.13 -1.27
H4'1 LLP B 119 -3.70 18.10 -2.19
H6 LLP B 119 0.95 17.39 -3.86
H5'1 LLP B 119 -1.71 19.36 -3.16
H5'2 LLP B 119 0.05 19.29 -3.18
H LLP B 119 -1.85 14.34 3.36
HA LLP B 119 -3.11 16.46 4.28
HB2 LLP B 119 -4.21 14.02 3.37
HB3 LLP B 119 -5.09 15.30 3.67
HG2 LLP B 119 -3.27 15.16 1.54
HG3 LLP B 119 -4.83 14.93 1.38
HD2 LLP B 119 -5.18 17.13 2.17
HD3 LLP B 119 -3.60 17.35 2.15
HE2 LLP B 119 -4.98 16.68 -0.25
HE3 LLP B 119 -4.75 18.19 0.15
HZ2 LLP B 119 -2.58 17.79 0.26
HZ3 LLP B 119 -2.71 16.41 0.07
N ASP B 120 -2.94 14.02 6.24
CA ASP B 120 -3.22 13.64 7.61
C ASP B 120 -3.00 14.82 8.55
N ARG B 121 -1.99 15.66 8.28
CA ARG B 121 -1.80 16.84 9.12
C ARG B 121 -3.03 17.75 9.11
N ILE B 122 -3.47 18.16 7.92
CA ILE B 122 -4.54 19.14 7.85
C ILE B 122 -5.85 18.54 8.31
N SER B 123 -6.05 17.24 8.07
CA SER B 123 -7.29 16.64 8.52
C SER B 123 -7.39 16.80 10.03
N LEU B 124 -6.34 16.43 10.76
CA LEU B 124 -6.37 16.58 12.21
C LEU B 124 -6.58 18.04 12.61
N ARG B 125 -5.81 18.95 12.01
CA ARG B 125 -5.92 20.34 12.43
C ARG B 125 -7.32 20.89 12.18
N MET B 126 -7.88 20.56 11.01
CA MET B 126 -9.21 21.03 10.71
C MET B 126 -10.25 20.52 11.69
N ILE B 127 -10.13 19.27 12.12
CA ILE B 127 -11.04 18.75 13.13
C ILE B 127 -10.82 19.45 14.48
N GLU B 128 -9.57 19.53 14.94
CA GLU B 128 -9.33 20.06 16.29
C GLU B 128 -9.76 21.53 16.41
N ASP B 129 -9.57 22.33 15.37
CA ASP B 129 -10.04 23.70 15.41
C ASP B 129 -11.57 23.72 15.41
N ALA B 130 -12.18 22.85 14.60
CA ALA B 130 -13.63 22.77 14.56
C ALA B 130 -14.18 22.29 15.91
N GLU B 131 -13.45 21.42 16.61
CA GLU B 131 -13.82 21.05 17.96
C GLU B 131 -13.78 22.22 18.95
N ARG B 132 -12.73 23.04 18.87
CA ARG B 132 -12.61 24.17 19.79
C ARG B 132 -13.66 25.25 19.58
N ASP B 133 -14.02 25.47 18.33
CA ASP B 133 -15.08 26.40 17.95
C ASP B 133 -16.47 25.99 18.37
N GLY B 134 -16.66 24.76 18.78
CA GLY B 134 -17.96 24.27 19.09
C GLY B 134 -18.81 24.04 17.87
N THR B 135 -18.21 24.15 16.69
CA THR B 135 -18.97 23.87 15.49
C THR B 135 -19.26 22.38 15.37
N LEU B 136 -18.23 21.56 15.55
CA LEU B 136 -18.33 20.11 15.51
C LEU B 136 -18.50 19.47 16.89
N LYS B 137 -19.62 18.77 17.09
CA LYS B 137 -20.01 18.07 18.28
C LYS B 137 -19.89 16.56 18.09
N PRO B 138 -19.65 15.81 19.18
CA PRO B 138 -19.59 14.34 19.09
C PRO B 138 -20.80 13.71 18.43
N GLY B 139 -20.52 12.83 17.48
CA GLY B 139 -21.50 12.12 16.68
C GLY B 139 -22.02 12.85 15.48
N ASP B 140 -21.60 14.10 15.26
CA ASP B 140 -21.91 14.78 14.02
C ASP B 140 -21.29 14.03 12.83
N THR B 141 -21.81 14.35 11.63
CA THR B 141 -21.32 13.83 10.35
C THR B 141 -20.37 14.80 9.66
N ILE B 142 -19.20 14.30 9.24
CA ILE B 142 -18.25 15.04 8.40
C ILE B 142 -18.37 14.65 6.93
N ILE B 143 -18.52 15.65 6.05
CA ILE B 143 -18.52 15.47 4.60
C ILE B 143 -17.35 16.21 3.97
N GLU B 144 -16.61 15.50 3.10
CA GLU B 144 -15.49 16.17 2.40
C GLU B 144 -15.23 15.84 0.95
N PRO B 145 -15.20 16.86 0.07
CA PRO B 145 -14.65 16.70 -1.28
C PRO B 145 -13.12 16.64 -1.26
N THR B 146 -12.55 15.61 -1.88
CA THR B 146 -11.11 15.39 -1.75
C THR B 146 -10.62 14.59 -2.94
N SER B 147 -9.31 14.69 -3.17
CA SER B 147 -8.63 13.79 -4.08
C SER B 147 -8.31 12.45 -3.47
N GLY B 148 -8.76 12.20 -2.25
CA GLY B 148 -8.60 10.94 -1.58
C GLY B 148 -7.61 10.96 -0.42
N ASN B 149 -6.47 11.62 -0.52
CA ASN B 149 -5.52 11.61 0.58
C ASN B 149 -6.09 12.31 1.80
N THR B 150 -6.74 13.46 1.60
CA THR B 150 -7.45 14.14 2.66
C THR B 150 -8.61 13.32 3.18
N GLY B 151 -9.28 12.58 2.29
CA GLY B 151 -10.34 11.70 2.71
C GLY B 151 -9.85 10.63 3.65
N ILE B 152 -8.68 10.07 3.35
CA ILE B 152 -8.06 9.06 4.19
C ILE B 152 -7.74 9.62 5.58
N GLY B 153 -7.12 10.81 5.61
CA GLY B 153 -6.82 11.41 6.90
C GLY B 153 -8.05 11.68 7.77
N LEU B 154 -9.10 12.20 7.15
CA LEU B 154 -10.35 12.47 7.87
C LEU B 154 -11.08 11.19 8.28
N ALA B 155 -11.14 10.20 7.39
CA ALA B 155 -11.77 8.93 7.75
C ALA B 155 -11.06 8.29 8.95
N LEU B 156 -9.73 8.40 8.99
CA LEU B 156 -8.98 7.88 10.12
C LEU B 156 -9.28 8.61 11.43
N ALA B 157 -9.32 9.94 11.39
CA ALA B 157 -9.69 10.69 12.59
C ALA B 157 -11.13 10.38 13.03
N ALA B 158 -12.06 10.24 12.08
CA ALA B 158 -13.44 9.88 12.39
C ALA B 158 -13.54 8.49 13.01
N ALA B 159 -12.82 7.51 12.46
CA ALA B 159 -12.79 6.18 13.05
C ALA B 159 -12.33 6.21 14.50
N VAL B 160 -11.26 6.94 14.79
CA VAL B 160 -10.80 7.03 16.17
C VAL B 160 -11.79 7.78 17.07
N ARG B 161 -12.28 8.94 16.62
CA ARG B 161 -13.09 9.82 17.45
C ARG B 161 -14.58 9.56 17.37
N GLY B 162 -15.02 8.76 16.42
CA GLY B 162 -16.42 8.44 16.35
C GLY B 162 -17.26 9.45 15.62
N TYR B 163 -16.74 10.02 14.55
CA TYR B 163 -17.55 10.81 13.66
C TYR B 163 -17.95 9.88 12.53
N ARG B 164 -19.12 10.14 11.97
CA ARG B 164 -19.48 9.57 10.68
C ARG B 164 -18.80 10.34 9.57
N CYS B 165 -18.31 9.62 8.56
CA CYS B 165 -17.53 10.24 7.50
C CYS B 165 -18.05 9.84 6.12
N ILE B 166 -18.37 10.85 5.31
CA ILE B 166 -18.83 10.68 3.93
C ILE B 166 -17.86 11.42 3.01
N ILE B 167 -17.23 10.66 2.11
CA ILE B 167 -16.20 11.16 1.19
C ILE B 167 -16.71 11.27 -0.23
N VAL B 168 -16.53 12.44 -0.83
CA VAL B 168 -16.82 12.70 -2.25
C VAL B 168 -15.48 12.86 -2.99
N MET B 169 -15.19 11.95 -3.92
CA MET B 169 -13.95 12.00 -4.68
C MET B 169 -14.20 11.70 -6.15
N PRO B 170 -13.42 12.32 -7.04
CA PRO B 170 -13.56 12.00 -8.48
C PRO B 170 -13.35 10.53 -8.82
N GLU B 171 -14.09 10.09 -9.85
CA GLU B 171 -14.00 8.73 -10.36
C GLU B 171 -12.59 8.39 -10.82
N LYS B 172 -11.79 9.39 -11.24
CA LYS B 172 -10.44 9.10 -11.69
C LYS B 172 -9.52 8.56 -10.61
N MET B 173 -9.83 8.80 -9.34
CA MET B 173 -8.92 8.40 -8.27
C MET B 173 -8.87 6.88 -8.09
N SER B 174 -7.68 6.39 -7.76
CA SER B 174 -7.43 4.96 -7.73
C SER B 174 -8.34 4.26 -6.73
N SER B 175 -8.64 3.00 -7.05
CA SER B 175 -9.43 2.13 -6.18
C SER B 175 -8.75 1.80 -4.85
N GLU B 176 -7.41 1.77 -4.78
CA GLU B 176 -6.76 1.50 -3.49
C GLU B 176 -7.18 2.51 -2.41
N LYS B 177 -7.41 3.76 -2.80
CA LYS B 177 -7.92 4.73 -1.84
C LYS B 177 -9.32 4.33 -1.39
N VAL B 178 -10.16 3.88 -2.33
CA VAL B 178 -11.50 3.41 -1.99
C VAL B 178 -11.42 2.24 -1.01
N ASP B 179 -10.52 1.28 -1.26
CA ASP B 179 -10.46 0.12 -0.38
C ASP B 179 -10.03 0.50 1.04
N VAL B 180 -9.05 1.41 1.15
CA VAL B 180 -8.65 1.88 2.48
C VAL B 180 -9.78 2.66 3.16
N LEU B 181 -10.47 3.54 2.42
CA LEU B 181 -11.57 4.30 3.00
C LEU B 181 -12.75 3.42 3.47
N ARG B 182 -13.15 2.47 2.64
CA ARG B 182 -14.21 1.53 3.01
C ARG B 182 -13.79 0.71 4.23
N ALA B 183 -12.52 0.28 4.28
CA ALA B 183 -12.03 -0.46 5.45
C ALA B 183 -12.06 0.41 6.72
N LEU B 184 -11.91 1.72 6.59
CA LEU B 184 -12.05 2.64 7.72
C LEU B 184 -13.51 2.89 8.11
N GLY B 185 -14.46 2.40 7.32
CA GLY B 185 -15.87 2.57 7.59
C GLY B 185 -16.46 3.86 7.08
N ALA B 186 -15.81 4.51 6.12
CA ALA B 186 -16.38 5.66 5.43
C ALA B 186 -17.35 5.23 4.34
N GLU B 187 -18.39 6.04 4.17
CA GLU B 187 -19.27 6.00 3.00
C GLU B 187 -18.61 6.80 1.88
N ILE B 188 -18.79 6.35 0.63
CA ILE B 188 -18.03 6.91 -0.49
C ILE B 188 -18.98 7.29 -1.60
N VAL B 189 -18.83 8.50 -2.13
CA VAL B 189 -19.58 9.00 -3.28
C VAL B 189 -18.56 9.51 -4.31
N ARG B 190 -18.80 9.22 -5.58
CA ARG B 190 -17.94 9.62 -6.68
C ARG B 190 -18.59 10.73 -7.52
N THR B 191 -17.75 11.44 -8.26
CA THR B 191 -18.16 12.50 -9.16
C THR B 191 -17.38 12.38 -10.46
N PRO B 192 -17.98 12.77 -11.58
CA PRO B 192 -17.27 12.71 -12.87
C PRO B 192 -15.98 13.53 -12.87
N THR B 193 -14.95 12.93 -13.44
CA THR B 193 -13.62 13.54 -13.41
C THR B 193 -13.58 14.84 -14.20
N ASN B 194 -14.32 14.91 -15.30
CA ASN B 194 -14.35 16.10 -16.13
C ASN B 194 -15.51 17.05 -15.80
N ALA B 195 -16.22 16.85 -14.68
CA ALA B 195 -17.18 17.86 -14.24
C ALA B 195 -16.45 19.10 -13.79
N ARG B 196 -16.83 20.23 -14.40
CA ARG B 196 -16.36 21.53 -13.97
C ARG B 196 -16.80 21.86 -12.55
N PHE B 197 -15.92 22.53 -11.81
CA PHE B 197 -16.18 22.83 -10.40
C PHE B 197 -17.46 23.60 -10.17
N ASP B 198 -17.92 24.36 -11.16
CA ASP B 198 -19.14 25.12 -10.94
C ASP B 198 -20.40 24.35 -11.27
N SER B 199 -20.30 23.18 -11.76
CA SER B 199 -21.40 22.26 -11.95
C SER B 199 -21.89 21.54 -10.70
N PRO B 200 -23.18 21.20 -10.67
CA PRO B 200 -23.73 20.47 -9.52
C PRO B 200 -23.09 19.11 -9.33
N GLU B 201 -22.46 18.56 -10.36
CA GLU B 201 -21.83 17.23 -10.32
C GLU B 201 -20.36 17.28 -9.93
N SER B 202 -19.77 18.48 -9.77
CA SER B 202 -18.42 18.53 -9.26
C SER B 202 -18.44 17.96 -7.83
N HIS B 203 -17.29 17.46 -7.38
CA HIS B 203 -17.17 16.90 -6.04
C HIS B 203 -17.55 17.93 -4.96
N VAL B 204 -17.25 19.21 -5.17
CA VAL B 204 -17.67 20.26 -4.24
C VAL B 204 -19.19 20.44 -4.25
N GLY B 205 -19.78 20.54 -5.44
CA GLY B 205 -21.22 20.72 -5.53
C GLY B 205 -22.01 19.56 -4.92
N VAL B 206 -21.59 18.34 -5.22
CA VAL B 206 -22.25 17.17 -4.66
C VAL B 206 -22.11 17.16 -3.15
N ALA B 207 -20.93 17.52 -2.64
CA ALA B 207 -20.76 17.61 -1.19
C ALA B 207 -21.72 18.62 -0.56
N TRP B 208 -21.87 19.80 -1.16
CA TRP B 208 -22.81 20.79 -0.63
C TRP B 208 -24.26 20.30 -0.67
N ARG B 209 -24.68 19.65 -1.76
N ARG B 209 -24.68 19.66 -1.77
CA ARG B 209 -26.05 19.14 -1.82
CA ARG B 209 -26.05 19.14 -1.83
C ARG B 209 -26.29 18.06 -0.75
C ARG B 209 -26.28 18.08 -0.74
N LEU B 210 -25.30 17.19 -0.55
CA LEU B 210 -25.41 16.19 0.51
C LEU B 210 -25.51 16.85 1.89
N LYS B 211 -24.67 17.86 2.14
CA LYS B 211 -24.74 18.58 3.41
C LYS B 211 -26.14 19.14 3.61
N ASN B 212 -26.77 19.63 2.53
CA ASN B 212 -28.12 20.17 2.65
C ASN B 212 -29.13 19.06 2.93
N GLU B 213 -28.82 17.81 2.56
CA GLU B 213 -29.76 16.72 2.86
C GLU B 213 -29.49 15.97 4.18
N ILE B 214 -28.32 16.10 4.80
CA ILE B 214 -27.95 15.36 6.01
C ILE B 214 -27.98 16.29 7.23
N PRO B 215 -28.85 16.04 8.21
CA PRO B 215 -28.83 16.84 9.45
C PRO B 215 -27.51 16.74 10.25
N ASN B 216 -27.18 17.85 10.96
CA ASN B 216 -25.96 17.98 11.79
C ASN B 216 -24.71 17.56 11.05
N SER B 217 -24.63 17.85 9.76
CA SER B 217 -23.47 17.57 8.94
C SER B 217 -22.71 18.87 8.73
N HIS B 218 -21.39 18.77 8.68
CA HIS B 218 -20.52 19.92 8.49
C HIS B 218 -19.55 19.57 7.37
N ILE B 219 -19.24 20.56 6.54
CA ILE B 219 -18.12 20.48 5.60
C ILE B 219 -16.95 21.32 6.12
N LEU B 220 -15.81 20.68 6.30
CA LEU B 220 -14.66 21.44 6.78
C LEU B 220 -14.00 22.25 5.65
N ASP B 221 -14.15 21.82 4.39
CA ASP B 221 -13.84 22.64 3.21
C ASP B 221 -12.37 23.08 3.21
N GLN B 222 -11.51 22.10 2.93
CA GLN B 222 -10.06 22.28 2.87
C GLN B 222 -9.62 23.35 1.90
N TYR B 223 -10.49 23.77 0.98
CA TYR B 223 -10.15 24.79 0.00
C TYR B 223 -10.26 26.20 0.57
N ARG B 224 -11.02 26.39 1.66
CA ARG B 224 -11.27 27.70 2.21
C ARG B 224 -10.87 27.77 3.68
N ASN B 225 -10.84 26.64 4.38
CA ASN B 225 -10.57 26.64 5.81
C ASN B 225 -9.10 26.96 6.05
N ALA B 226 -8.88 28.05 6.78
CA ALA B 226 -7.54 28.52 7.13
C ALA B 226 -6.73 27.49 7.90
N SER B 227 -7.40 26.57 8.58
CA SER B 227 -6.69 25.52 9.30
C SER B 227 -5.75 24.68 8.44
N ASN B 228 -5.98 24.53 7.16
CA ASN B 228 -5.07 23.84 6.24
C ASN B 228 -3.73 24.57 6.09
N PRO B 229 -3.71 25.77 5.49
CA PRO B 229 -2.43 26.48 5.37
C PRO B 229 -1.85 26.76 6.74
N LEU B 230 -2.68 26.99 7.76
CA LEU B 230 -2.15 27.21 9.10
C LEU B 230 -1.47 25.95 9.66
N ALA B 231 -2.03 24.76 9.40
CA ALA B 231 -1.37 23.52 9.81
C ALA B 231 0.04 23.45 9.25
N HIS B 232 0.21 23.88 8.00
CA HIS B 232 1.55 23.84 7.42
C HIS B 232 2.45 24.98 7.90
N TYR B 233 1.86 26.17 8.07
CA TYR B 233 2.57 27.32 8.62
C TYR B 233 3.10 27.04 10.04
N ASP B 234 2.28 26.44 10.90
CA ASP B 234 2.68 26.26 12.30
C ASP B 234 3.70 25.14 12.51
N THR B 235 3.56 24.01 11.81
CA THR B 235 4.34 22.82 12.10
C THR B 235 5.33 22.49 10.99
N THR B 236 4.85 22.24 9.77
CA THR B 236 5.72 21.74 8.71
C THR B 236 6.87 22.71 8.42
N ALA B 237 6.57 24.02 8.43
CA ALA B 237 7.62 25.00 8.20
C ALA B 237 8.62 25.00 9.35
N ASP B 238 8.13 24.91 10.59
CA ASP B 238 9.04 24.84 11.73
C ASP B 238 9.91 23.58 11.69
N GLU B 239 9.32 22.44 11.31
CA GLU B 239 10.11 21.22 11.13
C GLU B 239 11.21 21.39 10.07
N ILE B 240 10.85 21.96 8.92
CA ILE B 240 11.85 22.14 7.85
C ILE B 240 12.98 23.06 8.32
N LEU B 241 12.62 24.18 8.94
CA LEU B 241 13.62 25.11 9.45
C LEU B 241 14.51 24.49 10.51
N GLN B 242 13.92 23.77 11.46
CA GLN B 242 14.72 23.10 12.48
C GLN B 242 15.67 22.06 11.89
N GLN B 243 15.16 21.26 10.95
CA GLN B 243 15.98 20.21 10.36
C GLN B 243 17.15 20.78 9.54
N CYS B 244 16.95 21.93 8.92
CA CYS B 244 17.96 22.61 8.10
C CYS B 244 18.75 23.64 8.89
N ASP B 245 18.49 23.71 10.19
CA ASP B 245 19.05 24.74 11.07
C ASP B 245 18.75 26.14 10.55
N GLY B 246 17.60 26.33 9.90
CA GLY B 246 17.30 27.63 9.33
C GLY B 246 18.07 28.02 8.08
N LYS B 247 18.91 27.14 7.53
CA LYS B 247 19.75 27.49 6.38
C LYS B 247 19.12 26.80 5.19
N LEU B 248 18.45 27.56 4.33
CA LEU B 248 17.79 26.97 3.17
C LEU B 248 17.74 27.89 1.96
N ASP B 249 18.14 27.38 0.78
CA ASP B 249 18.15 28.21 -0.42
C ASP B 249 16.96 28.03 -1.35
N MET B 250 16.38 26.82 -1.46
CA MET B 250 15.26 26.60 -2.37
C MET B 250 14.28 25.56 -1.83
N LEU B 251 12.99 25.83 -2.02
CA LEU B 251 11.90 24.90 -1.77
C LEU B 251 11.09 24.62 -3.03
N VAL B 252 10.85 23.34 -3.32
CA VAL B 252 9.97 22.92 -4.41
C VAL B 252 8.77 22.17 -3.84
N ALA B 253 7.56 22.63 -4.17
CA ALA B 253 6.34 21.98 -3.70
C ALA B 253 5.29 21.97 -4.81
N SER B 254 4.70 20.79 -5.02
CA SER B 254 3.53 20.69 -5.90
C SER B 254 2.27 21.18 -5.21
N VAL B 255 1.37 21.78 -6.00
CA VAL B 255 0.25 22.56 -5.47
C VAL B 255 -1.03 21.86 -5.89
N GLY B 256 -1.79 21.35 -4.92
CA GLY B 256 -3.17 20.98 -5.19
C GLY B 256 -4.12 22.03 -4.65
N THR B 257 -4.18 22.14 -3.31
CA THR B 257 -4.97 23.18 -2.67
C THR B 257 -4.13 24.43 -2.43
N GLY B 258 -2.80 24.28 -2.46
CA GLY B 258 -1.90 25.35 -2.11
C GLY B 258 -1.60 25.49 -0.64
N GLY B 259 -2.31 24.78 0.22
CA GLY B 259 -2.09 24.94 1.64
C GLY B 259 -0.66 24.67 2.05
N THR B 260 -0.07 23.62 1.50
CA THR B 260 1.33 23.31 1.83
C THR B 260 2.26 24.46 1.43
N ILE B 261 2.22 24.84 0.15
CA ILE B 261 3.10 25.88 -0.34
C ILE B 261 2.77 27.22 0.29
N THR B 262 1.50 27.54 0.48
CA THR B 262 1.17 28.83 1.09
C THR B 262 1.70 28.95 2.51
N GLY B 263 1.38 27.97 3.35
CA GLY B 263 1.82 28.02 4.73
C GLY B 263 3.33 28.02 4.87
N ILE B 264 3.99 27.14 4.12
CA ILE B 264 5.45 27.07 4.19
C ILE B 264 6.07 28.36 3.68
N ALA B 265 5.63 28.81 2.52
CA ALA B 265 6.24 30.00 1.93
C ALA B 265 6.07 31.22 2.84
N ARG B 266 4.88 31.42 3.41
CA ARG B 266 4.70 32.56 4.32
C ARG B 266 5.66 32.51 5.51
N LYS B 267 5.71 31.38 6.22
CA LYS B 267 6.63 31.29 7.36
C LYS B 267 8.10 31.42 6.93
N LEU B 268 8.45 30.84 5.78
CA LEU B 268 9.82 30.92 5.28
C LEU B 268 10.20 32.34 4.87
N LYS B 269 9.30 33.06 4.21
CA LYS B 269 9.55 34.46 3.91
C LYS B 269 9.72 35.25 5.20
N GLU B 270 9.05 34.84 6.28
CA GLU B 270 9.29 35.56 7.54
C GLU B 270 10.62 35.20 8.24
N LYS B 271 11.07 33.95 8.17
CA LYS B 271 12.21 33.46 8.94
C LYS B 271 13.43 33.12 8.11
N CYS B 272 13.24 32.85 6.82
CA CYS B 272 14.34 32.51 5.91
C CYS B 272 14.04 33.21 4.60
N PRO B 273 14.00 34.56 4.65
CA PRO B 273 13.46 35.33 3.52
C PRO B 273 14.19 35.14 2.21
N GLY B 274 15.43 34.66 2.23
CA GLY B 274 16.16 34.39 1.01
C GLY B 274 15.75 33.14 0.26
N CYS B 275 14.91 32.29 0.84
CA CYS B 275 14.48 31.08 0.15
C CYS B 275 13.52 31.35 -1.01
N ARG B 276 13.89 30.83 -2.19
CA ARG B 276 13.03 30.86 -3.38
C ARG B 276 11.97 29.75 -3.30
N ILE B 277 10.71 30.11 -3.56
CA ILE B 277 9.57 29.18 -3.55
C ILE B 277 9.16 28.79 -4.97
N ILE B 278 9.28 27.50 -5.30
CA ILE B 278 8.95 26.96 -6.63
C ILE B 278 7.69 26.11 -6.58
N GLY B 279 6.66 26.55 -7.32
CA GLY B 279 5.40 25.80 -7.46
C GLY B 279 5.39 24.83 -8.63
N VAL B 280 4.83 23.63 -8.40
CA VAL B 280 4.65 22.62 -9.45
C VAL B 280 3.16 22.40 -9.71
N ASP B 281 2.76 22.54 -10.98
CA ASP B 281 1.38 22.41 -11.44
C ASP B 281 1.34 21.48 -12.64
N PRO B 282 0.40 20.52 -12.68
CA PRO B 282 0.31 19.65 -13.85
C PRO B 282 -0.16 20.44 -15.06
N GLU B 283 0.24 19.98 -16.26
CA GLU B 283 -0.42 20.44 -17.48
C GLU B 283 -1.90 20.10 -17.44
N GLY B 284 -2.73 21.09 -17.79
CA GLY B 284 -4.17 21.00 -17.66
C GLY B 284 -4.73 21.68 -16.43
N SER B 285 -3.88 22.08 -15.50
CA SER B 285 -4.30 22.97 -14.43
C SER B 285 -4.06 24.43 -14.87
N ILE B 286 -4.73 25.35 -14.19
CA ILE B 286 -4.68 26.79 -14.43
C ILE B 286 -4.03 27.55 -13.28
N LEU B 287 -3.39 26.84 -12.34
CA LEU B 287 -2.84 27.50 -11.14
C LEU B 287 -1.58 28.31 -11.43
N ALA B 288 -0.77 27.88 -12.40
CA ALA B 288 0.51 28.53 -12.69
C ALA B 288 0.33 29.96 -13.20
N GLU B 289 1.35 30.79 -12.92
CA GLU B 289 1.54 32.11 -13.48
C GLU B 289 2.88 32.19 -14.20
N PRO B 290 2.96 32.93 -15.33
CA PRO B 290 1.87 33.68 -15.98
C PRO B 290 0.96 32.76 -16.78
N GLU B 291 -0.17 33.30 -17.27
CA GLU B 291 -1.19 32.47 -17.90
C GLU B 291 -0.68 31.77 -19.15
N GLU B 292 0.38 32.29 -19.78
CA GLU B 292 0.97 31.63 -20.93
C GLU B 292 1.45 30.20 -20.65
N LEU B 293 1.80 29.88 -19.41
CA LEU B 293 2.16 28.51 -19.10
C LEU B 293 0.97 27.55 -19.15
N ASN B 294 -0.26 28.05 -19.05
CA ASN B 294 -1.43 27.20 -18.98
C ASN B 294 -2.05 26.89 -20.35
N GLN B 295 -1.52 27.48 -21.44
CA GLN B 295 -2.05 27.22 -22.77
C GLN B 295 -1.81 25.75 -23.12
N THR B 296 -2.90 25.00 -23.23
CA THR B 296 -2.76 23.58 -23.54
C THR B 296 -4.00 22.96 -24.14
N GLU B 297 -3.77 21.82 -24.82
CA GLU B 297 -4.85 21.02 -25.40
C GLU B 297 -5.51 20.14 -24.34
N GLN B 298 -4.77 19.18 -23.78
CA GLN B 298 -5.34 18.22 -22.83
C GLN B 298 -5.88 18.91 -21.60
N THR B 299 -7.06 18.46 -21.19
CA THR B 299 -7.72 18.96 -19.98
C THR B 299 -7.69 17.99 -18.82
N THR B 300 -7.25 16.75 -19.03
CA THR B 300 -7.20 15.72 -18.01
C THR B 300 -5.82 15.06 -18.03
N TYR B 301 -5.37 14.64 -16.85
CA TYR B 301 -4.06 14.03 -16.63
C TYR B 301 -4.22 12.95 -15.56
N GLU B 302 -3.28 12.01 -15.58
CA GLU B 302 -3.36 10.82 -14.72
C GLU B 302 -2.87 11.02 -13.29
N VAL B 303 -1.93 11.94 -13.07
CA VAL B 303 -1.47 12.23 -11.72
C VAL B 303 -2.62 12.69 -10.83
N GLU B 304 -2.61 12.22 -9.59
CA GLU B 304 -3.72 12.45 -8.66
C GLU B 304 -3.26 13.40 -7.57
N GLY B 305 -4.20 14.25 -7.12
CA GLY B 305 -4.04 15.10 -5.95
C GLY B 305 -3.44 16.47 -6.20
N ILE B 306 -3.03 16.80 -7.44
CA ILE B 306 -2.47 18.11 -7.74
C ILE B 306 -3.18 18.68 -8.96
N GLY B 307 -3.12 20.00 -9.05
CA GLY B 307 -3.80 20.78 -10.08
C GLY B 307 -5.30 20.81 -9.91
N TYR B 308 -5.89 21.91 -10.37
CA TYR B 308 -7.32 22.14 -10.35
C TYR B 308 -7.70 23.08 -11.48
N ASP B 309 -9.00 23.14 -11.75
CA ASP B 309 -9.57 24.09 -12.70
C ASP B 309 -10.04 25.40 -12.03
N PHE B 310 -9.67 25.64 -10.78
CA PHE B 310 -10.00 26.89 -10.09
C PHE B 310 -8.86 27.19 -9.11
N ILE B 311 -8.82 28.44 -8.64
CA ILE B 311 -7.82 28.88 -7.66
C ILE B 311 -8.44 28.81 -6.27
N PRO B 312 -8.01 27.88 -5.41
CA PRO B 312 -8.59 27.79 -4.07
C PRO B 312 -8.32 29.07 -3.29
N THR B 313 -9.31 29.48 -2.50
CA THR B 313 -9.17 30.69 -1.69
C THR B 313 -7.95 30.63 -0.77
N VAL B 314 -7.56 29.43 -0.32
CA VAL B 314 -6.40 29.33 0.57
C VAL B 314 -5.07 29.41 -0.16
N LEU B 315 -5.07 29.37 -1.50
CA LEU B 315 -3.82 29.52 -2.23
C LEU B 315 -3.52 31.01 -2.39
N ASP B 316 -2.39 31.43 -1.83
CA ASP B 316 -1.78 32.73 -2.06
C ASP B 316 -0.65 32.55 -3.08
N ARG B 317 -0.95 32.84 -4.33
CA ARG B 317 -0.01 32.75 -5.45
C ARG B 317 1.08 33.80 -5.42
N THR B 318 0.86 34.91 -4.72
CA THR B 318 1.80 36.02 -4.72
C THR B 318 3.10 35.69 -4.00
N VAL B 319 3.10 34.64 -3.17
CA VAL B 319 4.29 34.20 -2.47
C VAL B 319 5.09 33.15 -3.23
N VAL B 320 4.64 32.76 -4.42
CA VAL B 320 5.36 31.81 -5.26
C VAL B 320 6.24 32.59 -6.23
N ASP B 321 7.55 32.37 -6.15
CA ASP B 321 8.47 33.14 -6.97
C ASP B 321 8.48 32.64 -8.41
N LYS B 322 8.19 31.37 -8.64
CA LYS B 322 8.13 30.85 -10.00
C LYS B 322 7.29 29.57 -10.05
N TRP B 323 6.57 29.39 -11.15
CA TRP B 323 5.84 28.16 -11.44
C TRP B 323 6.59 27.34 -12.50
N PHE B 324 6.45 26.02 -12.41
CA PHE B 324 6.84 25.12 -13.47
C PHE B 324 5.67 24.19 -13.77
N LYS B 325 5.45 23.90 -15.05
CA LYS B 325 4.55 22.83 -15.47
C LYS B 325 5.23 21.46 -15.47
N SER B 326 4.44 20.43 -15.16
CA SER B 326 4.85 19.04 -15.27
C SER B 326 3.78 18.23 -15.99
N ASN B 327 4.20 17.15 -16.63
CA ASN B 327 3.31 16.19 -17.25
C ASN B 327 3.38 14.84 -16.54
N ASP B 328 2.48 13.93 -16.96
CA ASP B 328 2.36 12.59 -16.38
C ASP B 328 3.62 11.75 -16.61
N GLU B 329 4.18 11.81 -17.82
CA GLU B 329 5.35 11.00 -18.15
C GLU B 329 6.53 11.35 -17.25
N GLU B 330 6.78 12.63 -17.06
CA GLU B 330 7.82 13.08 -16.14
C GLU B 330 7.57 12.57 -14.73
N ALA B 331 6.33 12.73 -14.25
CA ALA B 331 5.99 12.32 -12.89
C ALA B 331 6.25 10.83 -12.66
N PHE B 332 5.74 9.96 -13.54
CA PHE B 332 5.89 8.52 -13.29
C PHE B 332 7.33 8.06 -13.55
N THR B 333 8.02 8.64 -14.54
CA THR B 333 9.42 8.28 -14.73
C THR B 333 10.24 8.59 -13.49
N PHE B 334 10.06 9.77 -12.93
CA PHE B 334 10.81 10.12 -11.74
C PHE B 334 10.32 9.39 -10.49
N ALA B 335 9.01 9.10 -10.36
CA ALA B 335 8.58 8.30 -9.22
C ALA B 335 9.20 6.90 -9.24
N CYS B 336 9.11 6.20 -10.37
CA CYS B 336 9.75 4.89 -10.45
C CYS B 336 11.25 5.01 -10.22
N MET B 337 11.86 6.09 -10.69
CA MET B 337 13.30 6.29 -10.48
C MET B 337 13.62 6.55 -9.01
N LEU B 338 12.79 7.35 -8.34
CA LEU B 338 12.95 7.61 -6.91
C LEU B 338 12.85 6.33 -6.10
N ILE B 339 11.90 5.45 -6.44
CA ILE B 339 11.81 4.17 -5.74
C ILE B 339 13.06 3.34 -6.00
N ALA B 340 13.37 3.11 -7.28
CA ALA B 340 14.44 2.19 -7.64
C ALA B 340 15.82 2.71 -7.23
N GLN B 341 16.04 4.02 -7.13
CA GLN B 341 17.38 4.54 -6.89
C GLN B 341 17.57 4.97 -5.44
N GLU B 342 16.57 5.60 -4.81
CA GLU B 342 16.70 6.14 -3.46
C GLU B 342 15.91 5.34 -2.42
N GLY B 343 15.08 4.39 -2.84
CA GLY B 343 14.28 3.61 -1.91
C GLY B 343 13.13 4.36 -1.28
N LEU B 344 12.67 5.47 -1.87
CA LEU B 344 11.59 6.24 -1.27
C LEU B 344 10.29 5.75 -1.88
N LEU B 345 9.52 4.97 -1.11
CA LEU B 345 8.25 4.44 -1.58
C LEU B 345 7.25 5.59 -1.50
N CYS B 346 7.03 6.28 -2.62
CA CYS B 346 6.20 7.48 -2.66
C CYS B 346 5.34 7.49 -3.92
N GLY B 347 4.40 8.44 -3.97
CA GLY B 347 3.51 8.57 -5.09
C GLY B 347 3.98 9.44 -6.25
N GLY B 348 3.07 9.56 -7.22
CA GLY B 348 3.34 10.29 -8.44
C GLY B 348 3.53 11.78 -8.24
N SER B 349 2.78 12.38 -7.31
CA SER B 349 2.94 13.81 -7.06
C SER B 349 4.33 14.14 -6.55
N ALA B 350 4.94 13.22 -5.81
CA ALA B 350 6.35 13.34 -5.45
C ALA B 350 7.26 13.29 -6.68
N GLY B 351 6.95 12.37 -7.60
CA GLY B 351 7.66 12.34 -8.87
C GLY B 351 7.61 13.65 -9.64
N SER B 352 6.41 14.23 -9.80
CA SER B 352 6.31 15.54 -10.45
C SER B 352 7.19 16.58 -9.74
N THR B 353 7.16 16.58 -8.41
CA THR B 353 7.92 17.60 -7.68
C THR B 353 9.43 17.46 -7.91
N VAL B 354 9.96 16.23 -7.89
CA VAL B 354 11.40 16.04 -8.11
C VAL B 354 11.77 16.26 -9.58
N ALA B 355 10.90 15.86 -10.50
CA ALA B 355 11.12 16.14 -11.92
C ALA B 355 11.27 17.63 -12.17
N VAL B 356 10.51 18.45 -11.44
CA VAL B 356 10.73 19.90 -11.54
C VAL B 356 12.02 20.32 -10.81
N ALA B 357 12.27 19.75 -9.63
CA ALA B 357 13.43 20.17 -8.85
C ALA B 357 14.74 20.03 -9.60
N VAL B 358 14.89 18.95 -10.38
CA VAL B 358 16.14 18.79 -11.14
C VAL B 358 16.34 19.87 -12.21
N LYS B 359 15.29 20.59 -12.60
CA LYS B 359 15.42 21.71 -13.52
C LYS B 359 15.60 23.03 -12.78
N ALA B 360 14.72 23.30 -11.81
CA ALA B 360 14.74 24.60 -11.14
C ALA B 360 16.03 24.78 -10.35
N ALA B 361 16.55 23.74 -9.73
CA ALA B 361 17.74 23.87 -8.91
C ALA B 361 19.06 23.91 -9.71
N GLN B 362 19.02 23.85 -11.05
CA GLN B 362 20.26 23.95 -11.80
C GLN B 362 21.00 25.28 -11.60
N GLU B 363 20.30 26.37 -11.25
CA GLU B 363 20.99 27.65 -11.00
C GLU B 363 21.76 27.65 -9.69
N LEU B 364 21.52 26.70 -8.78
CA LEU B 364 22.22 26.66 -7.51
C LEU B 364 23.56 25.93 -7.61
N GLN B 365 24.51 26.37 -6.78
CA GLN B 365 25.84 25.79 -6.73
C GLN B 365 26.04 24.97 -5.44
N GLU B 366 27.21 24.34 -5.35
CA GLU B 366 27.66 23.60 -4.16
C GLU B 366 27.69 24.46 -2.90
N GLY B 367 27.34 23.79 -1.80
CA GLY B 367 27.17 24.39 -0.50
C GLY B 367 25.78 24.93 -0.28
N GLN B 368 24.97 25.02 -1.33
CA GLN B 368 23.55 25.33 -1.22
C GLN B 368 22.70 24.05 -1.12
N ARG B 369 21.42 24.26 -0.74
CA ARG B 369 20.49 23.15 -0.52
C ARG B 369 19.12 23.49 -1.10
N CYS B 370 18.53 22.51 -1.77
CA CYS B 370 17.12 22.54 -2.20
C CYS B 370 16.31 21.48 -1.46
N VAL B 371 15.16 21.86 -0.90
CA VAL B 371 14.22 20.94 -0.26
C VAL B 371 13.00 20.72 -1.16
N VAL B 372 12.65 19.44 -1.36
CA VAL B 372 11.46 19.00 -2.09
C VAL B 372 10.48 18.36 -1.12
N ILE B 373 9.19 18.63 -1.31
CA ILE B 373 8.11 18.01 -0.52
C ILE B 373 7.58 16.77 -1.22
N LEU B 374 7.61 15.62 -0.53
CA LEU B 374 7.07 14.38 -1.10
C LEU B 374 5.73 13.97 -0.48
N PRO B 375 4.60 14.21 -1.17
CA PRO B 375 3.32 14.27 -0.44
C PRO B 375 2.80 12.92 0.02
N ASP B 376 2.96 11.84 -0.76
CA ASP B 376 2.33 10.59 -0.35
C ASP B 376 3.04 9.33 -0.87
N SER B 377 2.55 8.19 -0.37
CA SER B 377 3.11 6.85 -0.59
C SER B 377 2.53 6.11 -1.81
N VAL B 378 3.27 5.06 -2.20
CA VAL B 378 2.86 4.10 -3.22
C VAL B 378 1.59 3.31 -2.90
N ARG B 379 1.20 3.23 -1.62
CA ARG B 379 0.02 2.45 -1.25
C ARG B 379 -1.21 2.83 -2.09
N ASN B 380 -1.36 4.10 -2.44
CA ASN B 380 -2.51 4.54 -3.22
C ASN B 380 -2.39 4.24 -4.73
N TYR B 381 -1.25 3.73 -5.19
CA TYR B 381 -0.94 3.66 -6.63
C TYR B 381 -0.39 2.29 -7.02
N MET B 382 -0.67 1.27 -6.20
CA MET B 382 -0.11 -0.07 -6.42
C MET B 382 -0.41 -0.62 -7.82
N THR B 383 -1.60 -0.39 -8.33
CA THR B 383 -2.03 -0.92 -9.62
C THR B 383 -1.93 0.06 -10.78
N LYS B 384 -1.49 1.29 -10.53
CA LYS B 384 -1.31 2.26 -11.61
C LYS B 384 0.16 2.31 -12.02
N PHE B 385 0.88 3.39 -11.71
CA PHE B 385 2.23 3.53 -12.26
C PHE B 385 3.18 2.41 -11.79
N LEU B 386 2.85 1.70 -10.71
CA LEU B 386 3.67 0.54 -10.31
C LEU B 386 3.50 -0.65 -11.25
N SER B 387 2.35 -0.79 -11.91
CA SER B 387 2.09 -1.88 -12.83
C SER B 387 2.61 -1.46 -14.22
N ASP B 388 3.58 -2.23 -14.75
CA ASP B 388 4.10 -1.97 -16.09
C ASP B 388 3.03 -2.01 -17.20
N ARG B 389 2.04 -2.92 -17.09
CA ARG B 389 0.97 -2.99 -18.08
C ARG B 389 0.18 -1.68 -18.18
N TRP B 390 -0.10 -1.05 -17.04
CA TRP B 390 -0.85 0.22 -17.05
C TRP B 390 -0.01 1.33 -17.67
N MET B 391 1.27 1.37 -17.34
CA MET B 391 2.19 2.33 -17.93
C MET B 391 2.29 2.19 -19.45
N LEU B 392 2.36 0.94 -19.94
CA LEU B 392 2.34 0.69 -21.38
C LEU B 392 1.00 1.10 -21.99
N GLN B 393 -0.08 0.70 -21.34
CA GLN B 393 -1.42 1.02 -21.81
C GLN B 393 -1.69 2.50 -21.91
N LYS B 394 -1.11 3.29 -21.03
CA LYS B 394 -1.28 4.73 -21.04
C LYS B 394 -0.25 5.41 -21.93
N GLY B 395 0.69 4.66 -22.48
CA GLY B 395 1.70 5.20 -23.37
C GLY B 395 2.86 5.89 -22.70
N PHE B 396 3.01 5.72 -21.41
CA PHE B 396 4.15 6.27 -20.70
C PHE B 396 5.42 5.41 -20.82
N LEU B 397 5.33 4.15 -21.23
CA LEU B 397 6.50 3.38 -21.63
C LEU B 397 6.52 2.91 -23.09
N LYS B 398 7.64 3.15 -23.80
CA LYS B 398 7.89 2.52 -25.10
C LYS B 398 8.69 1.20 -24.95
N GLU B 399 8.34 0.21 -25.78
CA GLU B 399 9.05 -1.07 -25.87
C GLU B 399 10.52 -0.93 -26.27
N GLU B 400 10.86 0.01 -27.15
CA GLU B 400 12.24 0.24 -27.57
C GLU B 400 13.17 0.50 -26.38
N ASP B 401 12.88 1.52 -25.58
CA ASP B 401 13.74 1.81 -24.44
C ASP B 401 13.82 0.62 -23.47
N LEU B 402 12.71 -0.09 -23.26
CA LEU B 402 12.74 -1.28 -22.42
C LEU B 402 13.70 -2.33 -22.98
N THR B 403 13.65 -2.58 -24.30
CA THR B 403 14.54 -3.55 -24.89
C THR B 403 16.00 -3.10 -24.78
N GLU B 404 16.26 -1.79 -24.87
CA GLU B 404 17.63 -1.35 -24.69
C GLU B 404 18.17 -1.72 -23.30
N LYS B 405 17.29 -1.74 -22.30
CA LYS B 405 17.66 -2.13 -20.95
C LYS B 405 17.57 -3.64 -20.73
N LYS B 406 17.13 -4.43 -21.78
CA LYS B 406 16.97 -5.83 -21.45
C LYS B 406 18.24 -6.62 -21.74
N PRO B 407 18.45 -7.72 -21.02
CA PRO B 407 19.61 -8.57 -21.31
C PRO B 407 19.58 -9.18 -22.70
N TRP B 408 20.77 -9.58 -23.15
CA TRP B 408 20.90 -10.22 -24.44
C TRP B 408 19.98 -11.40 -24.60
N TRP B 409 19.72 -12.14 -23.53
CA TRP B 409 18.88 -13.29 -23.73
C TRP B 409 17.41 -12.91 -23.79
N TRP B 410 17.06 -11.66 -23.45
CA TRP B 410 15.65 -11.37 -23.26
C TRP B 410 14.90 -11.67 -24.55
N HIS B 411 15.51 -11.38 -25.70
CA HIS B 411 14.96 -11.66 -27.04
C HIS B 411 15.64 -12.95 -27.53
N LEU B 412 15.22 -14.08 -26.97
CA LEU B 412 15.67 -15.41 -27.40
C LEU B 412 14.53 -16.42 -27.24
N ARG B 413 14.60 -17.53 -27.99
CA ARG B 413 13.53 -18.53 -27.91
C ARG B 413 13.79 -19.57 -26.82
N VAL B 414 12.69 -20.08 -26.25
CA VAL B 414 12.71 -21.16 -25.25
C VAL B 414 13.40 -22.41 -25.80
N GLN B 415 13.26 -22.65 -27.10
CA GLN B 415 13.91 -23.76 -27.77
C GLN B 415 15.42 -23.73 -27.62
N GLU B 416 16.01 -22.55 -27.34
CA GLU B 416 17.45 -22.52 -27.23
C GLU B 416 17.95 -23.19 -25.96
N LEU B 417 17.06 -23.44 -25.00
CA LEU B 417 17.39 -24.16 -23.77
C LEU B 417 17.66 -25.64 -24.01
N GLY B 418 17.41 -26.16 -25.22
CA GLY B 418 17.56 -27.57 -25.53
C GLY B 418 16.48 -28.39 -24.85
N LEU B 419 16.27 -28.18 -23.55
CA LEU B 419 15.35 -28.98 -22.74
C LEU B 419 15.59 -30.49 -22.71
N SER B 420 14.53 -31.25 -22.39
CA SER B 420 14.45 -32.69 -22.43
C SER B 420 13.00 -33.09 -22.17
N ALA B 421 12.46 -34.00 -22.98
CA ALA B 421 11.10 -34.48 -22.74
C ALA B 421 10.93 -35.23 -21.41
N PRO B 422 9.99 -34.82 -20.55
CA PRO B 422 9.80 -35.47 -19.25
C PRO B 422 8.98 -36.76 -19.35
N LEU B 423 9.16 -37.63 -18.36
CA LEU B 423 8.17 -38.64 -18.01
C LEU B 423 6.87 -38.09 -17.40
N THR B 424 5.72 -38.63 -17.85
CA THR B 424 4.42 -38.38 -17.25
C THR B 424 3.86 -39.59 -16.49
N VAL B 425 3.04 -39.33 -15.46
CA VAL B 425 2.35 -40.35 -14.67
C VAL B 425 0.86 -40.05 -14.51
N LEU B 426 0.06 -41.11 -14.34
CA LEU B 426 -1.37 -40.95 -14.05
C LEU B 426 -1.63 -40.50 -12.60
N PRO B 427 -2.73 -39.75 -12.37
CA PRO B 427 -3.07 -39.31 -11.01
C PRO B 427 -3.45 -40.42 -10.04
N THR B 428 -3.86 -41.58 -10.53
CA THR B 428 -4.25 -42.71 -9.70
C THR B 428 -3.05 -43.48 -9.16
N ILE B 429 -1.85 -43.16 -9.64
CA ILE B 429 -0.64 -43.79 -9.15
C ILE B 429 -0.44 -43.49 -7.66
N THR B 430 0.23 -44.41 -6.98
CA THR B 430 0.58 -44.33 -5.58
C THR B 430 1.92 -43.62 -5.39
N CYS B 431 2.10 -43.08 -4.18
CA CYS B 431 3.34 -42.41 -3.82
C CYS B 431 4.58 -43.31 -3.97
N GLY B 432 4.48 -44.53 -3.46
CA GLY B 432 5.60 -45.46 -3.55
C GLY B 432 6.01 -45.79 -4.97
N HIS B 433 5.02 -46.10 -5.81
CA HIS B 433 5.29 -46.44 -7.20
C HIS B 433 5.85 -45.23 -7.93
N THR B 434 5.44 -44.03 -7.53
CA THR B 434 6.05 -42.84 -8.12
C THR B 434 7.54 -42.75 -7.76
N ILE B 435 7.90 -42.97 -6.49
CA ILE B 435 9.32 -42.96 -6.11
C ILE B 435 10.10 -44.04 -6.86
N GLU B 436 9.53 -45.25 -6.93
CA GLU B 436 10.19 -46.34 -7.64
C GLU B 436 10.48 -45.97 -9.08
N ILE B 437 9.44 -45.53 -9.81
CA ILE B 437 9.63 -45.23 -11.22
C ILE B 437 10.61 -44.07 -11.42
N LEU B 438 10.48 -43.00 -10.62
CA LEU B 438 11.39 -41.88 -10.76
C LEU B 438 12.86 -42.25 -10.55
N ARG B 439 13.17 -42.99 -9.50
CA ARG B 439 14.56 -43.41 -9.30
C ARG B 439 15.05 -44.37 -10.39
N GLU B 440 14.24 -45.36 -10.74
CA GLU B 440 14.63 -46.34 -11.74
C GLU B 440 14.89 -45.69 -13.10
N LYS B 441 14.09 -44.69 -13.48
CA LYS B 441 14.30 -44.02 -14.75
C LYS B 441 15.25 -42.83 -14.62
N GLY B 442 15.66 -42.49 -13.41
CA GLY B 442 16.58 -41.38 -13.16
C GLY B 442 16.05 -39.98 -13.38
N PHE B 443 14.76 -39.74 -13.10
CA PHE B 443 14.18 -38.42 -13.17
C PHE B 443 13.88 -37.91 -11.77
N ASP B 444 14.07 -36.61 -11.55
CA ASP B 444 13.74 -35.99 -10.27
C ASP B 444 12.31 -35.50 -10.24
N GLN B 445 11.64 -35.46 -11.40
CA GLN B 445 10.30 -34.89 -11.44
C GLN B 445 9.50 -35.43 -12.60
N ALA B 446 8.18 -35.40 -12.42
CA ALA B 446 7.27 -35.75 -13.44
C ALA B 446 6.01 -34.91 -13.43
N PRO B 447 5.58 -34.43 -14.60
CA PRO B 447 4.20 -33.96 -14.75
C PRO B 447 3.19 -35.09 -14.54
N VAL B 448 2.13 -34.76 -13.79
CA VAL B 448 0.97 -35.61 -13.62
C VAL B 448 0.01 -35.24 -14.74
N VAL B 449 -0.28 -36.19 -15.62
CA VAL B 449 -1.12 -35.94 -16.79
C VAL B 449 -2.24 -36.97 -16.61
N ASP B 450 -3.25 -36.95 -17.47
CA ASP B 450 -4.33 -37.92 -17.31
C ASP B 450 -4.60 -38.69 -18.59
N GLU B 451 -5.52 -39.66 -18.46
CA GLU B 451 -5.88 -40.43 -19.65
C GLU B 451 -6.57 -39.51 -20.64
N ALA B 452 -7.29 -38.51 -20.13
CA ALA B 452 -7.93 -37.51 -20.96
C ALA B 452 -6.95 -36.47 -21.50
N GLY B 453 -5.73 -36.42 -20.95
CA GLY B 453 -4.72 -35.46 -21.31
C GLY B 453 -4.74 -34.15 -20.53
N VAL B 454 -5.50 -34.04 -19.45
CA VAL B 454 -5.45 -32.85 -18.63
C VAL B 454 -4.23 -32.93 -17.71
N ILE B 455 -3.39 -31.91 -17.75
CA ILE B 455 -2.22 -31.84 -16.88
C ILE B 455 -2.70 -31.35 -15.52
N LEU B 456 -2.49 -32.16 -14.48
CA LEU B 456 -2.97 -31.79 -13.17
C LEU B 456 -1.91 -31.14 -12.29
N GLY B 457 -0.63 -31.30 -12.60
CA GLY B 457 0.38 -30.70 -11.77
C GLY B 457 1.72 -31.40 -11.91
N MET B 458 2.54 -31.23 -10.87
CA MET B 458 3.87 -31.80 -10.76
C MET B 458 4.02 -32.64 -9.50
N VAL B 459 4.85 -33.70 -9.60
CA VAL B 459 5.37 -34.39 -8.43
C VAL B 459 6.89 -34.42 -8.54
N THR B 460 7.54 -34.32 -7.39
CA THR B 460 9.00 -34.39 -7.32
C THR B 460 9.45 -35.45 -6.31
N LEU B 461 10.58 -36.07 -6.64
CA LEU B 461 11.18 -37.08 -5.77
C LEU B 461 11.57 -36.52 -4.40
N GLY B 462 12.19 -35.33 -4.36
CA GLY B 462 12.60 -34.77 -3.08
C GLY B 462 11.42 -34.58 -2.14
N ASN B 463 10.33 -34.01 -2.65
CA ASN B 463 9.13 -33.78 -1.85
C ASN B 463 8.39 -35.06 -1.54
N MET B 464 8.38 -36.02 -2.46
CA MET B 464 7.76 -37.30 -2.13
C MET B 464 8.50 -38.00 -0.99
N LEU B 465 9.82 -38.05 -1.07
CA LEU B 465 10.61 -38.65 0.00
C LEU B 465 10.47 -37.90 1.31
N SER B 466 10.59 -36.57 1.29
CA SER B 466 10.39 -35.83 2.54
C SER B 466 9.03 -36.11 3.15
N SER B 467 7.97 -36.11 2.34
CA SER B 467 6.64 -36.37 2.90
C SER B 467 6.49 -37.79 3.46
N LEU B 468 7.03 -38.80 2.78
CA LEU B 468 6.98 -40.15 3.35
C LEU B 468 7.83 -40.27 4.62
N LEU B 469 9.06 -39.79 4.56
CA LEU B 469 9.99 -39.87 5.69
C LEU B 469 9.47 -39.12 6.90
N ALA B 470 8.74 -38.03 6.68
CA ALA B 470 8.09 -37.28 7.73
C ALA B 470 6.78 -37.92 8.18
N GLY B 471 6.38 -39.05 7.59
CA GLY B 471 5.13 -39.69 7.94
C GLY B 471 3.91 -38.92 7.53
N LYS B 472 4.08 -37.97 6.62
CA LYS B 472 2.97 -37.16 6.14
C LYS B 472 2.09 -37.90 5.15
N VAL B 473 2.66 -38.88 4.44
CA VAL B 473 1.94 -39.75 3.51
C VAL B 473 2.37 -41.20 3.68
N GLN B 474 1.57 -42.10 3.06
CA GLN B 474 1.86 -43.52 2.99
C GLN B 474 2.25 -43.94 1.58
N PRO B 475 3.00 -45.05 1.46
CA PRO B 475 3.38 -45.51 0.12
C PRO B 475 2.19 -45.81 -0.77
N SER B 476 1.09 -46.24 -0.17
CA SER B 476 -0.18 -46.56 -0.83
C SER B 476 -1.05 -45.34 -1.04
N ASP B 477 -0.70 -44.19 -0.46
CA ASP B 477 -1.50 -42.99 -0.63
C ASP B 477 -1.47 -42.50 -2.06
N GLN B 478 -2.58 -41.88 -2.46
CA GLN B 478 -2.67 -41.21 -3.75
C GLN B 478 -1.80 -39.95 -3.81
N VAL B 479 -1.24 -39.69 -4.99
CA VAL B 479 -0.41 -38.52 -5.20
C VAL B 479 -1.20 -37.25 -4.95
N GLY B 480 -2.51 -37.34 -5.03
CA GLY B 480 -3.41 -36.24 -4.77
C GLY B 480 -3.26 -35.60 -3.42
CA LYS B 481 -1.75 -34.66 -1.25
C LYS B 481 -0.36 -34.07 -1.41
N VAL B 482 0.40 -34.58 -2.37
CA VAL B 482 1.79 -34.15 -2.52
C VAL B 482 2.05 -33.41 -3.83
N ILE B 483 1.09 -33.43 -4.77
CA ILE B 483 1.22 -32.78 -6.07
C ILE B 483 1.41 -31.27 -5.91
N TYR B 484 2.31 -30.69 -6.71
CA TYR B 484 2.36 -29.22 -6.87
C TYR B 484 1.37 -28.82 -7.97
N LYS B 485 0.24 -28.24 -7.57
CA LYS B 485 -0.83 -27.94 -8.50
C LYS B 485 -0.63 -26.71 -9.38
N GLN B 486 0.19 -25.75 -8.97
CA GLN B 486 0.38 -24.51 -9.72
C GLN B 486 1.54 -24.51 -10.71
N PHE B 487 1.24 -24.09 -11.95
CA PHE B 487 2.22 -23.93 -13.01
C PHE B 487 1.65 -23.05 -14.13
N LYS B 488 2.54 -22.64 -15.06
CA LYS B 488 2.19 -21.89 -16.26
C LYS B 488 2.64 -22.62 -17.51
N GLN B 489 1.82 -22.54 -18.55
CA GLN B 489 2.08 -23.06 -19.90
C GLN B 489 2.90 -22.13 -20.79
N ILE B 490 3.78 -22.74 -21.61
CA ILE B 490 4.59 -22.02 -22.60
C ILE B 490 4.68 -22.77 -23.93
N ARG B 491 5.00 -22.03 -25.01
CA ARG B 491 5.24 -22.66 -26.30
C ARG B 491 6.75 -22.72 -26.50
N LEU B 492 7.20 -23.67 -27.32
CA LEU B 492 8.61 -23.71 -27.71
C LEU B 492 9.10 -22.39 -28.33
N THR B 493 8.21 -21.68 -29.00
CA THR B 493 8.48 -20.45 -29.71
C THR B 493 8.34 -19.17 -28.90
N ASP B 494 7.99 -19.24 -27.62
CA ASP B 494 8.01 -18.05 -26.77
C ASP B 494 9.42 -17.57 -26.43
N THR B 495 9.49 -16.30 -26.00
CA THR B 495 10.75 -15.66 -25.65
C THR B 495 11.12 -15.98 -24.19
N LEU B 496 12.42 -15.90 -23.90
CA LEU B 496 12.95 -16.04 -22.54
C LEU B 496 12.56 -14.93 -21.55
N GLY B 497 12.35 -13.70 -22.03
CA GLY B 497 11.79 -12.65 -21.16
C GLY B 497 10.41 -12.96 -20.65
N ARG B 498 9.58 -13.56 -21.49
CA ARG B 498 8.26 -14.02 -21.08
C ARG B 498 8.38 -15.08 -20.00
N LEU B 499 9.32 -16.00 -20.16
CA LEU B 499 9.59 -16.97 -19.11
C LEU B 499 9.98 -16.28 -17.80
N SER B 500 10.87 -15.30 -17.88
CA SER B 500 11.26 -14.58 -16.67
C SER B 500 10.07 -13.96 -15.92
N HIS B 501 9.14 -13.31 -16.64
CA HIS B 501 7.97 -12.77 -15.96
C HIS B 501 7.08 -13.86 -15.33
N ILE B 502 6.97 -14.99 -16.03
CA ILE B 502 6.21 -16.09 -15.46
C ILE B 502 6.89 -16.55 -14.17
N LEU B 503 8.21 -16.62 -14.20
CA LEU B 503 8.95 -17.06 -13.03
C LEU B 503 8.92 -16.01 -11.92
N GLU B 504 8.49 -14.78 -12.24
CA GLU B 504 8.21 -13.81 -11.17
C GLU B 504 6.90 -14.18 -10.48
N MET B 505 6.07 -15.00 -11.15
CA MET B 505 4.78 -15.41 -10.57
C MET B 505 4.68 -16.92 -10.27
N ASP B 506 5.32 -17.79 -11.07
CA ASP B 506 5.22 -19.25 -10.93
C ASP B 506 6.58 -19.94 -10.95
N HIS B 507 6.69 -21.04 -10.19
CA HIS B 507 7.92 -21.83 -10.19
C HIS B 507 8.06 -22.71 -11.44
N PHE B 508 6.98 -23.37 -11.93
CA PHE B 508 7.05 -24.30 -13.08
C PHE B 508 6.44 -23.71 -14.36
N ALA B 509 7.23 -23.67 -15.44
CA ALA B 509 6.74 -23.47 -16.79
C ALA B 509 6.80 -24.76 -17.63
N LEU B 510 5.64 -25.29 -18.03
CA LEU B 510 5.50 -26.47 -18.89
C LEU B 510 5.34 -26.09 -20.37
N VAL B 511 6.22 -26.59 -21.24
CA VAL B 511 6.18 -26.34 -22.69
C VAL B 511 5.21 -27.31 -23.42
N VAL B 512 4.14 -26.73 -23.97
CA VAL B 512 2.96 -27.36 -24.58
C VAL B 512 2.73 -26.93 -26.03
N HIS B 513 1.88 -27.71 -26.70
CA HIS B 513 1.28 -27.37 -27.98
C HIS B 513 -0.23 -27.33 -27.83
N GLU B 514 -0.88 -26.44 -28.57
CA GLU B 514 -2.34 -26.39 -28.60
C GLU B 514 -2.89 -27.34 -29.62
N ARG B 517 -2.16 -31.69 -29.55
CA ARG B 517 -1.73 -32.67 -28.57
C ARG B 517 -1.27 -31.98 -27.29
N GLN B 518 -1.88 -32.36 -26.18
CA GLN B 518 -1.53 -31.81 -24.87
C GLN B 518 -0.15 -32.25 -24.39
N MET B 519 0.46 -33.22 -25.08
CA MET B 519 1.82 -33.70 -24.81
C MET B 519 2.72 -32.56 -24.32
N VAL B 520 3.52 -32.89 -23.30
CA VAL B 520 4.48 -31.97 -22.68
C VAL B 520 5.86 -32.10 -23.33
N PHE B 521 6.38 -31.00 -23.87
CA PHE B 521 7.69 -30.98 -24.51
C PHE B 521 8.84 -30.65 -23.54
N GLY B 522 8.56 -30.04 -22.38
CA GLY B 522 9.63 -29.71 -21.43
C GLY B 522 9.10 -29.08 -20.16
N VAL B 523 9.97 -29.08 -19.14
CA VAL B 523 9.74 -28.43 -17.85
C VAL B 523 10.86 -27.45 -17.54
N VAL B 524 10.50 -26.22 -17.13
CA VAL B 524 11.49 -25.17 -16.92
C VAL B 524 11.23 -24.48 -15.57
N THR B 525 12.31 -24.24 -14.84
CA THR B 525 12.29 -23.49 -13.59
C THR B 525 13.28 -22.33 -13.77
N ALA B 526 13.32 -21.47 -12.76
CA ALA B 526 14.28 -20.36 -12.74
C ALA B 526 15.73 -20.85 -12.77
N ILE B 527 15.96 -22.05 -12.21
CA ILE B 527 17.31 -22.61 -12.18
C ILE B 527 17.79 -23.03 -13.56
N ASP B 528 16.91 -23.60 -14.39
CA ASP B 528 17.32 -23.99 -15.74
C ASP B 528 17.71 -22.78 -16.59
N LEU B 529 16.92 -21.71 -16.50
CA LEU B 529 17.27 -20.47 -17.19
C LEU B 529 18.60 -19.91 -16.69
N LEU B 530 18.78 -19.87 -15.38
CA LEU B 530 20.05 -19.38 -14.83
C LEU B 530 21.22 -20.24 -15.32
N ASN B 531 21.08 -21.58 -15.33
CA ASN B 531 22.18 -22.43 -15.79
C ASN B 531 22.51 -22.13 -17.26
N PHE B 532 21.48 -21.96 -18.08
CA PHE B 532 21.72 -21.59 -19.48
C PHE B 532 22.49 -20.28 -19.57
N VAL B 533 22.03 -19.24 -18.87
CA VAL B 533 22.71 -17.95 -18.93
C VAL B 533 24.16 -18.06 -18.46
N ALA B 534 24.40 -18.73 -17.33
CA ALA B 534 25.77 -18.87 -16.82
C ALA B 534 26.68 -19.73 -17.70
N ALA B 535 26.10 -20.72 -18.39
CA ALA B 535 26.84 -21.48 -19.38
C ALA B 535 27.28 -20.55 -20.51
N GLN B 536 26.34 -19.77 -21.01
CA GLN B 536 26.62 -18.81 -22.07
C GLN B 536 27.64 -17.76 -21.63
N GLU B 537 27.64 -17.41 -20.36
CA GLU B 537 28.61 -16.43 -19.88
C GLU B 537 30.04 -16.98 -19.84
N ARG B 538 30.19 -18.30 -19.70
CA ARG B 538 31.46 -19.03 -19.80
C ARG B 538 31.99 -19.27 -21.23
N ASP B 539 31.11 -19.53 -22.17
CA ASP B 539 31.37 -19.76 -23.58
C ASP B 539 31.89 -18.57 -24.36
N GLN B 540 31.82 -17.35 -23.85
CA GLN B 540 32.48 -16.28 -24.59
C GLN B 540 33.96 -16.01 -24.41
CHA HEM C . 25.77 -18.40 18.39
CHB HEM C . 27.42 -17.37 22.82
CHC HEM C . 23.79 -14.29 23.47
CHD HEM C . 21.82 -15.77 19.29
C1A HEM C . 26.56 -18.35 19.51
C2A HEM C . 27.84 -19.00 19.71
C3A HEM C . 28.29 -18.71 20.92
C4A HEM C . 27.31 -17.86 21.55
CMA HEM C . 29.62 -19.18 21.54
CAA HEM C . 28.58 -19.87 18.69
CBA HEM C . 29.26 -18.96 17.68
CGA HEM C . 29.12 -19.64 16.37
O1A HEM C . 29.26 -20.89 16.34
O2A HEM C . 28.87 -18.95 15.36
C1B HEM C . 26.60 -16.44 23.36
C2B HEM C . 26.76 -15.84 24.66
C3B HEM C . 25.74 -14.98 24.84
C4B HEM C . 24.93 -15.03 23.66
CMB HEM C . 27.94 -16.19 25.60
CAB HEM C . 25.44 -14.08 26.06
CBB HEM C . 26.27 -14.01 27.12
C1C HEM C . 22.95 -14.44 22.37
C2C HEM C . 21.75 -13.67 22.18
C3C HEM C . 21.19 -14.05 21.03
C4C HEM C . 22.04 -15.10 20.47
CMC HEM C . 21.28 -12.62 23.19
CAC HEM C . 19.90 -13.57 20.35
CBC HEM C . 19.10 -12.69 20.95
C1D HEM C . 22.72 -16.59 18.68
C2D HEM C . 22.57 -17.19 17.38
C3D HEM C . 23.67 -17.92 17.13
C4D HEM C . 24.55 -17.81 18.26
CMD HEM C . 21.35 -17.06 16.44
CAD HEM C . 23.92 -18.76 15.85
CBD HEM C . 23.54 -20.19 16.23
CGD HEM C . 24.26 -21.20 15.38
O1D HEM C . 25.14 -20.83 14.56
O2D HEM C . 23.92 -22.41 15.53
NA HEM C . 26.27 -17.67 20.67
NB HEM C . 25.46 -15.93 22.76
NC HEM C . 23.11 -15.30 21.30
ND HEM C . 23.94 -16.98 19.17
FE HEM C . 24.80 -16.33 20.86
HHB HEM C . 28.15 -17.72 23.38
HHC HEM C . 23.56 -13.63 24.14
HHD HEM C . 20.94 -15.67 18.87
HMA HEM C . 29.71 -18.83 22.44
HMAA HEM C . 30.38 -18.87 20.99
HMAB HEM C . 29.64 -20.17 21.57
HAA HEM C . 27.95 -20.45 18.22
HAAA HEM C . 29.24 -20.41 19.14
HBA HEM C . 30.21 -18.84 17.91
HBAA HEM C . 28.83 -18.09 17.67
HMB HEM C . 28.32 -17.05 25.34
HMBA HEM C . 27.63 -16.24 26.52
HMBB HEM C . 28.63 -15.51 25.52
HAB HEM C . 24.65 -13.54 26.05
HBB HEM C . 26.07 -13.43 27.87
HBBA HEM C . 27.08 -14.55 27.13
HMC HEM C . 20.90 -11.85 22.73
HMCA HEM C . 22.02 -12.33 23.74
HMCB HEM C . 20.59 -13.00 23.77
HAC HEM C . 19.66 -13.91 19.49
HBC HEM C . 18.28 -12.39 20.53
HBCA HEM C . 19.34 -12.34 21.83
HMD HEM C . 21.67 -17.02 15.50
HMDA HEM C . 20.86 -16.23 16.65
HMDB HEM C . 20.77 -17.83 16.55
HAD HEM C . 24.85 -18.71 15.59
HADA HEM C . 23.36 -18.44 15.12
HBD HEM C . 22.59 -20.30 16.12
HBDA HEM C . 23.78 -20.34 17.16
HHA HEM C . 26.11 -18.90 17.62
CHA HEM D . -8.59 34.93 7.06
CHB HEM D . -5.79 38.20 9.23
CHC HEM D . -2.00 35.27 8.78
CHD HEM D . -4.68 32.26 6.11
C1A HEM D . -8.18 36.04 7.73
C2A HEM D . -9.01 37.13 8.21
C3A HEM D . -8.23 38.02 8.81
C4A HEM D . -6.88 37.54 8.74
CMA HEM D . -8.69 39.34 9.48
CAA HEM D . -10.53 37.23 8.07
CBA HEM D . -11.13 36.33 9.14
CGA HEM D . -12.32 35.69 8.50
O1A HEM D . -13.05 36.41 7.76
O2A HEM D . -12.56 34.47 8.75
C1B HEM D . -4.54 37.68 9.30
C2B HEM D . -3.41 38.32 9.92
C3B HEM D . -2.36 37.51 9.78
C4B HEM D . -2.80 36.34 9.10
CMB HEM D . -3.50 39.73 10.58
CAB HEM D . -0.89 37.71 10.25
CBB HEM D . -0.52 38.80 10.95
C1C HEM D . -2.42 34.19 8.03
C2C HEM D . -1.57 33.07 7.69
C3C HEM D . -2.30 32.23 6.96
C4C HEM D . -3.63 32.80 6.81
CMC HEM D . -0.11 32.97 8.14
CAC HEM D . -1.90 30.88 6.32
CBC HEM D . -0.62 30.45 6.39
C1D HEM D . -5.97 32.69 6.15
C2D HEM D . -7.11 32.06 5.54
C3D HEM D . -8.19 32.81 5.81
C4D HEM D . -7.79 33.94 6.58
CMD HEM D . -7.11 30.76 4.69
CAD HEM D . -9.63 32.50 5.33
CBD HEM D . -9.85 33.37 4.09
CGD HEM D . -11.31 33.65 3.89
O1D HEM D . -12.15 33.31 4.76
O2D HEM D . -11.62 34.26 2.84
NA HEM D . -6.87 36.33 8.07
NB HEM D . -4.15 36.45 8.80
NC HEM D . -3.67 34.00 7.47
ND HEM D . -6.43 33.83 6.78
FE HEM D . -5.35 35.05 7.95
HHB HEM D . -5.92 39.12 9.56
HHC HEM D . -1.07 35.28 9.11
HHD HEM D . -4.48 31.49 5.53
HMA HEM D . -7.91 39.81 9.86
HMAA HEM D . -9.32 39.14 10.20
HMAB HEM D . -9.13 39.92 8.81
HAA HEM D . -10.80 36.92 7.19
HAAA HEM D . -10.81 38.14 8.21
HBA HEM D . -11.40 36.85 9.91
HBAA HEM D . -10.49 35.65 9.41
HMB HEM D . -2.98 39.73 11.39
HMBA HEM D . -4.43 39.93 10.78
HMBB HEM D . -3.16 40.40 9.97
HAB HEM D . -0.24 37.03 10.04
HBB HEM D . 0.41 38.90 11.24
HBBA HEM D . -1.17 39.48 11.17
HMC HEM D . 0.09 32.06 8.37
HMCA HEM D . 0.02 33.54 8.92
HMCB HEM D . 0.48 33.27 7.43
HAC HEM D . -2.55 30.34 5.88
HBC HEM D . -0.39 29.60 5.99
HBCA HEM D . 0.05 30.98 6.84
HMD HEM D . -7.91 30.23 4.92
HMDA HEM D . -6.31 30.25 4.89
HMDB HEM D . -7.13 31.00 3.74
HAD HEM D . -10.27 32.72 6.02
HADA HEM D . -9.72 31.56 5.10
HBD HEM D . -9.51 32.90 3.31
HBDA HEM D . -9.38 34.20 4.20
HHA HEM D . -9.55 34.83 6.91
#